data_8HOR
#
_entry.id   8HOR
#
_cell.length_a   58.686
_cell.length_b   147.645
_cell.length_c   64.719
_cell.angle_alpha   90.00
_cell.angle_beta   100.01
_cell.angle_gamma   90.00
#
_symmetry.space_group_name_H-M   'P 1 21 1'
#
loop_
_entity.id
_entity.type
_entity.pdbx_description
1 polymer 'Bifunctional cytochrome P450/NADPH--P450 reductase'
2 polymer Im-C6-Phe(4CH3)-Tyr
3 non-polymer 'PROTOPORPHYRIN IX CONTAINING FE'
4 water water
#
loop_
_entity_poly.entity_id
_entity_poly.type
_entity_poly.pdbx_seq_one_letter_code
_entity_poly.pdbx_strand_id
1 'polypeptide(L)'
;GMTIKEMPQPKTFGELKNLPLLNTDKPVQALMKIADELGEIFKFEAPGRVTRYLSSQRLIKEACDESRFDKNLSQALKFV
RDFAGDGLATSWTHEKNWKKAHNILLPSFSQQAMKGYHAMMVDIAVQLVQKWERLNADEHIEVPEDMTRLTLDTIGLCGF
NYRFNSFYRDQPHPFITSMVRALDEAMNKLQRANPDDPAYDENKRQFQEDIKVMNDLVDKIIADRKASGEQSDDLLTHML
NGKDPETGEPLDDENIRYQIITFLIAGHETTSGLLSFALYFLVKNPHVLQKAAEEAARVLVDPVPSYKQVKQLKYVGMVL
NEALRLWPTAPAFSLYAKEDTVLGGEYPLEKGDELMVLIPQLHRDKTIWGDDVEEFRPERFENPSAIPQHAFKPFGNGQR
ACIGQQFALHEATLVLGMMLKHFDFEDHTNYELDIKETLTLKPEGFVVKAKSKKIPLLEHHHHHH
;
A,B
2 'polypeptide(L)' (I7X)(4PH)Y C,D
#
# COMPACT_ATOMS: atom_id res chain seq x y z
N LYS A 5 16.98 -13.64 28.07
CA LYS A 5 16.98 -12.47 28.95
C LYS A 5 18.31 -11.74 28.87
N GLU A 6 19.39 -12.45 29.19
CA GLU A 6 20.72 -11.88 29.11
C GLU A 6 21.19 -11.87 27.66
N MET A 7 21.66 -10.71 27.20
CA MET A 7 21.93 -10.53 25.77
C MET A 7 23.39 -10.78 25.48
N PRO A 8 23.72 -11.61 24.49
CA PRO A 8 25.12 -11.86 24.17
C PRO A 8 25.82 -10.59 23.69
N GLN A 9 27.15 -10.62 23.75
CA GLN A 9 27.98 -9.49 23.39
C GLN A 9 29.32 -10.01 22.92
N PRO A 10 29.87 -9.49 21.82
CA PRO A 10 31.18 -9.96 21.35
C PRO A 10 32.32 -9.48 22.25
N LYS A 11 33.55 -9.87 21.91
CA LYS A 11 34.71 -9.58 22.73
C LYS A 11 34.90 -8.07 22.88
N THR A 12 35.48 -7.67 24.01
CA THR A 12 35.65 -6.28 24.37
C THR A 12 37.13 -5.90 24.40
N PHE A 13 37.38 -4.59 24.37
CA PHE A 13 38.73 -4.04 24.35
C PHE A 13 38.90 -3.01 25.47
N GLY A 14 38.65 -3.46 26.70
CA GLY A 14 38.81 -2.57 27.85
C GLY A 14 37.87 -1.39 27.77
N GLU A 15 38.45 -0.19 27.86
CA GLU A 15 37.65 1.04 27.86
C GLU A 15 36.97 1.28 26.52
N LEU A 16 37.51 0.75 25.43
CA LEU A 16 36.93 0.95 24.10
C LEU A 16 35.76 0.02 23.83
N LYS A 17 35.45 -0.89 24.73
CA LYS A 17 34.32 -1.84 24.63
C LYS A 17 34.43 -2.57 23.28
N ASN A 18 33.39 -2.57 22.45
CA ASN A 18 33.40 -3.30 21.19
C ASN A 18 33.89 -2.48 20.01
N LEU A 19 34.16 -1.18 20.22
CA LEU A 19 34.44 -0.29 19.08
C LEU A 19 35.58 -0.75 18.19
N PRO A 20 36.72 -1.25 18.69
CA PRO A 20 37.78 -1.72 17.78
C PRO A 20 37.33 -2.80 16.82
N LEU A 21 36.24 -3.51 17.11
CA LEU A 21 35.74 -4.52 16.18
C LEU A 21 35.34 -3.92 14.85
N LEU A 22 34.95 -2.64 14.84
CA LEU A 22 34.60 -1.95 13.60
C LEU A 22 35.82 -1.45 12.84
N ASN A 23 37.00 -1.42 13.48
CA ASN A 23 38.22 -1.00 12.80
C ASN A 23 38.76 -2.16 11.98
N THR A 24 37.97 -2.52 10.97
CA THR A 24 38.34 -3.54 9.99
C THR A 24 37.74 -3.12 8.66
N ASP A 25 38.35 -3.57 7.56
CA ASP A 25 37.93 -3.07 6.26
C ASP A 25 36.69 -3.76 5.72
N LYS A 26 36.18 -4.79 6.38
CA LYS A 26 34.92 -5.45 6.01
C LYS A 26 34.03 -5.57 7.23
N PRO A 27 33.48 -4.45 7.70
CA PRO A 27 32.75 -4.48 8.99
C PRO A 27 31.41 -5.20 8.94
N VAL A 28 30.65 -5.07 7.85
CA VAL A 28 29.37 -5.78 7.76
C VAL A 28 29.61 -7.28 7.81
N GLN A 29 30.57 -7.77 7.03
CA GLN A 29 30.88 -9.20 7.06
C GLN A 29 31.41 -9.64 8.41
N ALA A 30 32.14 -8.76 9.10
CA ALA A 30 32.56 -9.07 10.46
C ALA A 30 31.37 -9.14 11.41
N LEU A 31 30.40 -8.25 11.24
CA LEU A 31 29.19 -8.29 12.06
C LEU A 31 28.35 -9.52 11.76
N MET A 32 28.36 -9.97 10.50
CA MET A 32 27.67 -11.21 10.15
C MET A 32 28.32 -12.40 10.85
N LYS A 33 29.65 -12.44 10.89
CA LYS A 33 30.34 -13.54 11.57
C LYS A 33 30.04 -13.54 13.06
N ILE A 34 29.92 -12.35 13.66
CA ILE A 34 29.54 -12.26 15.08
C ILE A 34 28.13 -12.78 15.27
N ALA A 35 27.22 -12.45 14.34
CA ALA A 35 25.85 -12.95 14.43
C ALA A 35 25.81 -14.47 14.31
N ASP A 36 26.65 -15.04 13.45
CA ASP A 36 26.74 -16.50 13.37
C ASP A 36 27.12 -17.10 14.71
N GLU A 37 28.04 -16.46 15.43
CA GLU A 37 28.51 -16.98 16.70
C GLU A 37 27.52 -16.72 17.82
N LEU A 38 26.94 -15.51 17.86
CA LEU A 38 26.14 -15.09 19.02
C LEU A 38 24.64 -15.25 18.82
N GLY A 39 24.15 -15.26 17.59
CA GLY A 39 22.74 -15.51 17.37
C GLY A 39 21.93 -14.34 16.88
N GLU A 40 20.63 -14.35 17.18
CA GLU A 40 19.68 -13.40 16.60
C GLU A 40 19.82 -12.00 17.15
N ILE A 41 20.51 -11.82 18.28
CA ILE A 41 20.66 -10.49 18.86
C ILE A 41 21.92 -10.45 19.72
N PHE A 42 22.71 -9.40 19.55
CA PHE A 42 23.86 -9.18 20.44
C PHE A 42 24.02 -7.69 20.68
N LYS A 43 24.46 -7.36 21.89
CA LYS A 43 24.72 -5.98 22.27
C LYS A 43 26.06 -5.53 21.71
N PHE A 44 26.11 -4.28 21.26
CA PHE A 44 27.35 -3.68 20.77
C PHE A 44 27.55 -2.37 21.52
N GLU A 45 28.61 -2.31 22.33
CA GLU A 45 28.89 -1.16 23.17
C GLU A 45 30.14 -0.44 22.67
N ALA A 46 30.12 0.89 22.78
CA ALA A 46 31.23 1.75 22.44
C ALA A 46 31.24 2.91 23.42
N PRO A 47 32.28 3.73 23.46
CA PRO A 47 32.23 4.95 24.28
C PRO A 47 31.06 5.82 23.89
N GLY A 48 30.12 5.99 24.83
CA GLY A 48 28.96 6.84 24.61
C GLY A 48 27.92 6.29 23.66
N ARG A 49 27.95 5.00 23.36
CA ARG A 49 27.02 4.41 22.41
C ARG A 49 26.69 2.99 22.82
N VAL A 50 25.40 2.65 22.76
CA VAL A 50 24.93 1.28 22.91
C VAL A 50 23.90 1.02 21.82
N THR A 51 24.07 -0.09 21.10
CA THR A 51 23.06 -0.52 20.14
C THR A 51 22.99 -2.04 20.17
N ARG A 52 22.00 -2.58 19.45
CA ARG A 52 21.75 -4.02 19.43
C ARG A 52 21.50 -4.45 17.99
N TYR A 53 22.25 -5.46 17.53
CA TYR A 53 22.16 -5.92 16.16
C TYR A 53 21.19 -7.10 16.07
N LEU A 54 20.12 -6.92 15.29
CA LEU A 54 19.11 -7.94 15.10
C LEU A 54 19.38 -8.70 13.80
N SER A 55 19.19 -10.02 13.84
CA SER A 55 19.48 -10.87 12.69
C SER A 55 18.37 -11.84 12.32
N SER A 56 17.36 -12.03 13.17
CA SER A 56 16.31 -13.00 12.90
C SER A 56 15.03 -12.32 12.45
N GLN A 57 14.30 -12.98 11.56
CA GLN A 57 12.97 -12.53 11.19
C GLN A 57 12.06 -12.44 12.41
N ARG A 58 12.27 -13.31 13.39
CA ARG A 58 11.44 -13.33 14.60
C ARG A 58 11.45 -11.99 15.32
N LEU A 59 12.64 -11.41 15.51
CA LEU A 59 12.75 -10.14 16.20
C LEU A 59 12.58 -8.94 15.27
N ILE A 60 13.04 -9.05 14.02
CA ILE A 60 12.99 -7.91 13.11
C ILE A 60 11.54 -7.58 12.73
N LYS A 61 10.65 -8.58 12.69
CA LYS A 61 9.25 -8.29 12.39
C LYS A 61 8.61 -7.44 13.47
N GLU A 62 9.08 -7.56 14.71
CA GLU A 62 8.64 -6.64 15.76
C GLU A 62 9.31 -5.28 15.63
N ALA A 63 10.61 -5.26 15.31
CA ALA A 63 11.31 -4.00 15.11
C ALA A 63 10.69 -3.19 13.98
N CYS A 64 10.03 -3.84 13.03
CA CYS A 64 9.37 -3.15 11.93
C CYS A 64 7.97 -2.66 12.29
N ASP A 65 7.55 -2.81 13.55
CA ASP A 65 6.28 -2.26 14.01
C ASP A 65 6.46 -0.76 14.19
N GLU A 66 5.87 0.03 13.28
CA GLU A 66 6.07 1.47 13.29
C GLU A 66 5.43 2.15 14.50
N SER A 67 4.44 1.51 15.14
CA SER A 67 3.88 2.07 16.35
C SER A 67 4.84 1.99 17.53
N ARG A 68 5.83 1.09 17.45
CA ARG A 68 6.78 0.87 18.54
C ARG A 68 8.18 1.36 18.23
N PHE A 69 8.58 1.40 16.96
CA PHE A 69 9.92 1.80 16.59
C PHE A 69 9.88 2.75 15.41
N ASP A 70 10.75 3.76 15.44
CA ASP A 70 10.89 4.74 14.37
C ASP A 70 12.33 4.69 13.85
N LYS A 71 12.53 5.24 12.66
CA LYS A 71 13.88 5.27 12.08
C LYS A 71 14.82 6.10 12.95
N ASN A 72 15.99 5.55 13.22
CA ASN A 72 17.07 6.26 13.89
C ASN A 72 18.17 6.56 12.90
N LEU A 73 18.83 7.71 13.07
CA LEU A 73 20.04 8.01 12.31
C LEU A 73 21.21 7.27 12.94
N SER A 74 21.73 6.28 12.23
CA SER A 74 22.98 5.65 12.62
C SER A 74 24.10 6.69 12.60
N GLN A 75 25.26 6.29 13.14
CA GLN A 75 26.42 7.18 13.05
C GLN A 75 26.82 7.43 11.61
N ALA A 76 26.68 6.41 10.76
CA ALA A 76 26.90 6.60 9.33
C ALA A 76 25.98 7.67 8.76
N LEU A 77 24.68 7.56 9.04
CA LEU A 77 23.72 8.55 8.54
C LEU A 77 23.99 9.93 9.13
N LYS A 78 24.36 10.00 10.41
CA LYS A 78 24.70 11.29 11.01
C LYS A 78 25.88 11.94 10.30
N PHE A 79 26.88 11.13 9.93
CA PHE A 79 28.03 11.66 9.20
C PHE A 79 27.65 12.02 7.76
N VAL A 80 26.77 11.22 7.15
CA VAL A 80 26.29 11.55 5.81
C VAL A 80 25.44 12.81 5.83
N ARG A 81 24.72 13.05 6.93
CA ARG A 81 23.90 14.26 7.05
C ARG A 81 24.71 15.54 6.90
N ASP A 82 26.02 15.49 7.15
CA ASP A 82 26.85 16.69 7.01
C ASP A 82 26.93 17.19 5.58
N PHE A 83 26.59 16.36 4.59
CA PHE A 83 26.46 16.83 3.22
C PHE A 83 25.16 16.45 2.55
N ALA A 84 24.38 15.52 3.11
CA ALA A 84 23.05 15.22 2.61
C ALA A 84 21.96 16.07 3.28
N GLY A 85 22.32 16.84 4.31
CA GLY A 85 21.43 17.75 5.00
C GLY A 85 20.19 17.05 5.52
N ASP A 86 19.07 17.78 5.52
CA ASP A 86 17.78 17.20 5.84
C ASP A 86 17.07 16.67 4.61
N GLY A 87 17.81 16.09 3.69
CA GLY A 87 17.22 15.26 2.65
C GLY A 87 16.47 14.08 3.25
N LEU A 88 15.76 13.36 2.38
CA LEU A 88 14.87 12.31 2.85
C LEU A 88 15.61 11.24 3.64
N ALA A 89 16.82 10.88 3.22
CA ALA A 89 17.52 9.75 3.81
C ALA A 89 18.17 10.07 5.14
N THR A 90 18.53 11.34 5.39
CA THR A 90 19.26 11.71 6.59
C THR A 90 18.48 12.65 7.50
N SER A 91 17.15 12.65 7.39
CA SER A 91 16.30 13.45 8.23
CA SER A 91 16.30 13.45 8.23
C SER A 91 15.48 12.56 9.17
N TRP A 92 15.15 13.10 10.33
CA TRP A 92 14.31 12.38 11.27
C TRP A 92 12.85 12.45 10.84
N THR A 93 12.07 11.45 11.25
CA THR A 93 10.66 11.40 10.87
C THR A 93 9.89 12.61 11.37
N HIS A 94 10.32 13.21 12.48
CA HIS A 94 9.64 14.34 13.09
C HIS A 94 10.08 15.69 12.52
N GLU A 95 11.07 15.71 11.63
CA GLU A 95 11.48 16.96 11.01
C GLU A 95 10.49 17.38 9.92
N LYS A 96 10.14 18.67 9.92
CA LYS A 96 9.12 19.18 9.00
C LYS A 96 9.49 18.87 7.55
N ASN A 97 10.77 18.97 7.20
CA ASN A 97 11.17 18.78 5.82
C ASN A 97 11.11 17.32 5.37
N TRP A 98 11.02 16.36 6.30
CA TRP A 98 10.88 14.97 5.87
C TRP A 98 9.49 14.72 5.30
N LYS A 99 8.45 14.93 6.12
CA LYS A 99 7.09 14.67 5.67
C LYS A 99 6.72 15.53 4.48
N LYS A 100 7.28 16.74 4.42
CA LYS A 100 7.05 17.63 3.29
C LYS A 100 7.59 17.05 2.00
N ALA A 101 8.89 16.75 1.97
CA ALA A 101 9.49 16.16 0.77
C ALA A 101 8.94 14.78 0.48
N HIS A 102 8.59 14.02 1.53
CA HIS A 102 7.98 12.71 1.35
C HIS A 102 6.68 12.82 0.55
N ASN A 103 5.80 13.73 0.97
CA ASN A 103 4.54 13.92 0.26
C ASN A 103 4.75 14.44 -1.16
N ILE A 104 5.72 15.34 -1.33
CA ILE A 104 5.95 15.95 -2.65
C ILE A 104 6.58 14.95 -3.61
N LEU A 105 7.52 14.15 -3.13
CA LEU A 105 8.33 13.32 -4.02
C LEU A 105 7.73 11.94 -4.28
N LEU A 106 6.83 11.48 -3.41
CA LEU A 106 6.21 10.16 -3.58
C LEU A 106 5.57 9.95 -4.94
N PRO A 107 4.79 10.89 -5.50
CA PRO A 107 4.20 10.64 -6.83
C PRO A 107 5.22 10.51 -7.95
N SER A 108 6.39 11.17 -7.84
CA SER A 108 7.39 11.10 -8.89
C SER A 108 8.31 9.91 -8.76
N PHE A 109 8.13 9.06 -7.75
CA PHE A 109 8.86 7.82 -7.61
C PHE A 109 7.97 6.59 -7.74
N SER A 110 6.71 6.79 -8.14
CA SER A 110 5.77 5.69 -8.27
C SER A 110 6.09 4.85 -9.49
N GLN A 111 5.48 3.66 -9.54
CA GLN A 111 5.59 2.82 -10.72
C GLN A 111 5.06 3.54 -11.95
N GLN A 112 3.99 4.33 -11.77
CA GLN A 112 3.46 5.14 -12.87
C GLN A 112 4.46 6.20 -13.32
N ALA A 113 5.27 6.73 -12.40
CA ALA A 113 6.25 7.75 -12.76
C ALA A 113 7.41 7.17 -13.56
N MET A 114 7.67 5.87 -13.45
CA MET A 114 8.75 5.26 -14.21
C MET A 114 8.50 5.29 -15.71
N LYS A 115 7.24 5.40 -16.13
CA LYS A 115 6.93 5.53 -17.54
C LYS A 115 7.58 6.78 -18.13
N GLY A 116 7.66 7.86 -17.34
CA GLY A 116 8.26 9.09 -17.82
C GLY A 116 9.77 9.09 -17.79
N TYR A 117 10.37 8.30 -16.89
CA TYR A 117 11.82 8.20 -16.82
C TYR A 117 12.40 7.16 -17.77
N HIS A 118 11.55 6.32 -18.35
CA HIS A 118 12.03 5.16 -19.11
C HIS A 118 12.92 5.59 -20.27
N ALA A 119 12.52 6.62 -21.01
CA ALA A 119 13.29 7.04 -22.18
C ALA A 119 14.70 7.46 -21.79
N MET A 120 14.84 8.16 -20.66
CA MET A 120 16.18 8.57 -20.21
C MET A 120 16.99 7.37 -19.73
N MET A 121 16.35 6.42 -19.04
CA MET A 121 17.05 5.21 -18.64
C MET A 121 17.58 4.45 -19.84
N VAL A 122 16.77 4.36 -20.90
CA VAL A 122 17.19 3.65 -22.11
C VAL A 122 18.39 4.35 -22.74
N ASP A 123 18.39 5.69 -22.72
CA ASP A 123 19.51 6.45 -23.25
C ASP A 123 20.84 5.97 -22.68
N ILE A 124 20.92 5.85 -21.34
CA ILE A 124 22.17 5.45 -20.71
C ILE A 124 22.43 3.96 -20.92
N ALA A 125 21.37 3.15 -20.89
CA ALA A 125 21.53 1.71 -21.09
C ALA A 125 22.08 1.40 -22.47
N VAL A 126 21.64 2.14 -23.49
CA VAL A 126 22.17 1.95 -24.84
C VAL A 126 23.66 2.30 -24.88
N GLN A 127 24.06 3.35 -24.16
CA GLN A 127 25.48 3.70 -24.09
C GLN A 127 26.30 2.57 -23.49
N LEU A 128 25.77 1.89 -22.47
CA LEU A 128 26.46 0.76 -21.87
C LEU A 128 26.57 -0.39 -22.88
N VAL A 129 25.45 -0.70 -23.55
CA VAL A 129 25.47 -1.76 -24.55
C VAL A 129 26.46 -1.45 -25.66
N GLN A 130 26.45 -0.19 -26.15
CA GLN A 130 27.35 0.17 -27.24
C GLN A 130 28.81 0.11 -26.81
N LYS A 131 29.12 0.46 -25.56
CA LYS A 131 30.50 0.35 -25.09
C LYS A 131 30.97 -1.10 -25.18
N TRP A 132 30.14 -2.04 -24.73
CA TRP A 132 30.54 -3.44 -24.75
C TRP A 132 30.55 -4.01 -26.17
N GLU A 133 29.64 -3.54 -27.04
CA GLU A 133 29.68 -3.94 -28.44
C GLU A 133 30.98 -3.52 -29.11
N ARG A 134 31.57 -2.41 -28.68
CA ARG A 134 32.74 -1.84 -29.31
C ARG A 134 34.06 -2.29 -28.70
N LEU A 135 34.02 -3.17 -27.71
CA LEU A 135 35.25 -3.73 -27.17
C LEU A 135 35.91 -4.66 -28.18
N ASN A 136 37.23 -4.68 -28.19
CA ASN A 136 37.97 -5.58 -29.04
C ASN A 136 38.00 -6.98 -28.43
N ALA A 137 38.42 -7.95 -29.24
CA ALA A 137 38.48 -9.33 -28.78
C ALA A 137 39.45 -9.48 -27.60
N ASP A 138 39.06 -10.32 -26.65
CA ASP A 138 39.86 -10.66 -25.47
C ASP A 138 40.10 -9.46 -24.55
N GLU A 139 39.53 -8.30 -24.89
CA GLU A 139 39.32 -7.28 -23.87
C GLU A 139 38.22 -7.76 -22.92
N HIS A 140 38.16 -7.16 -21.74
CA HIS A 140 37.19 -7.60 -20.75
C HIS A 140 36.50 -6.39 -20.13
N ILE A 141 35.49 -6.69 -19.31
CA ILE A 141 34.63 -5.70 -18.70
C ILE A 141 34.94 -5.60 -17.21
N GLU A 142 35.10 -4.38 -16.71
CA GLU A 142 35.16 -4.13 -15.27
C GLU A 142 33.73 -3.83 -14.84
N VAL A 143 33.08 -4.80 -14.21
CA VAL A 143 31.63 -4.80 -14.06
C VAL A 143 31.16 -3.70 -13.10
N PRO A 144 31.59 -3.66 -11.84
CA PRO A 144 31.10 -2.58 -10.96
C PRO A 144 31.47 -1.19 -11.46
N GLU A 145 32.62 -1.05 -12.11
CA GLU A 145 33.00 0.24 -12.67
C GLU A 145 31.99 0.70 -13.72
N ASP A 146 31.62 -0.19 -14.65
CA ASP A 146 30.68 0.20 -15.70
C ASP A 146 29.26 0.33 -15.15
N MET A 147 28.87 -0.54 -14.21
CA MET A 147 27.55 -0.39 -13.61
C MET A 147 27.42 0.93 -12.87
N THR A 148 28.49 1.38 -12.22
CA THR A 148 28.47 2.67 -11.54
C THR A 148 28.40 3.82 -12.55
N ARG A 149 29.12 3.70 -13.66
CA ARG A 149 28.97 4.66 -14.74
C ARG A 149 27.52 4.77 -15.19
N LEU A 150 26.83 3.63 -15.28
CA LEU A 150 25.46 3.63 -15.78
C LEU A 150 24.49 4.25 -14.77
N THR A 151 24.58 3.82 -13.50
CA THR A 151 23.62 4.30 -12.51
C THR A 151 23.83 5.77 -12.18
N LEU A 152 25.08 6.22 -12.16
CA LEU A 152 25.35 7.64 -11.91
C LEU A 152 24.76 8.52 -13.01
N ASP A 153 24.98 8.14 -14.28
CA ASP A 153 24.44 8.93 -15.38
C ASP A 153 22.92 8.85 -15.43
N THR A 154 22.35 7.71 -15.05
CA THR A 154 20.90 7.58 -15.08
C THR A 154 20.23 8.48 -14.05
N ILE A 155 20.77 8.53 -12.83
CA ILE A 155 20.18 9.40 -11.81
C ILE A 155 20.45 10.87 -12.12
N GLY A 156 21.59 11.18 -12.73
CA GLY A 156 21.84 12.56 -13.15
C GLY A 156 20.85 13.03 -14.19
N LEU A 157 20.56 12.18 -15.18
CA LEU A 157 19.65 12.55 -16.26
C LEU A 157 18.21 12.60 -15.77
N CYS A 158 17.78 11.58 -15.02
CA CYS A 158 16.41 11.55 -14.51
C CYS A 158 16.23 12.49 -13.32
N GLY A 159 17.30 12.79 -12.60
CA GLY A 159 17.20 13.63 -11.42
C GLY A 159 17.10 15.10 -11.74
N PHE A 160 17.97 15.60 -12.62
CA PHE A 160 17.97 17.03 -12.94
C PHE A 160 18.51 17.31 -14.34
N ASN A 161 18.31 16.38 -15.28
CA ASN A 161 18.60 16.59 -16.70
C ASN A 161 20.07 16.97 -16.92
N TYR A 162 20.96 16.37 -16.15
CA TYR A 162 22.39 16.66 -16.25
C TYR A 162 23.13 15.40 -16.69
N ARG A 163 24.03 15.56 -17.65
CA ARG A 163 24.78 14.43 -18.21
C ARG A 163 26.19 14.45 -17.63
N PHE A 164 26.47 13.50 -16.72
CA PHE A 164 27.83 13.32 -16.24
C PHE A 164 28.75 12.75 -17.31
N ASN A 165 28.17 12.11 -18.34
CA ASN A 165 28.92 11.55 -19.45
C ASN A 165 30.04 10.62 -18.95
N SER A 166 29.67 9.72 -18.04
CA SER A 166 30.64 8.85 -17.41
C SER A 166 31.29 7.90 -18.39
N PHE A 167 30.60 7.56 -19.48
CA PHE A 167 31.16 6.66 -20.49
C PHE A 167 32.12 7.36 -21.43
N TYR A 168 32.30 8.68 -21.29
CA TYR A 168 33.29 9.43 -22.03
C TYR A 168 34.52 9.74 -21.18
N ARG A 169 34.68 9.10 -20.03
CA ARG A 169 35.65 9.54 -19.03
C ARG A 169 36.40 8.37 -18.43
N ASP A 170 37.66 8.62 -18.07
CA ASP A 170 38.40 7.78 -17.14
C ASP A 170 38.26 8.30 -15.71
N GLN A 171 38.59 9.58 -15.51
CA GLN A 171 38.40 10.24 -14.21
C GLN A 171 36.97 10.77 -14.12
N PRO A 172 36.24 10.43 -13.06
CA PRO A 172 34.82 10.82 -12.99
C PRO A 172 34.65 12.32 -12.93
N HIS A 173 33.40 12.74 -13.13
CA HIS A 173 33.03 14.15 -13.04
C HIS A 173 33.47 14.72 -11.69
N PRO A 174 33.96 15.96 -11.64
CA PRO A 174 34.43 16.53 -10.36
C PRO A 174 33.43 16.43 -9.22
N PHE A 175 32.13 16.52 -9.51
CA PHE A 175 31.14 16.33 -8.45
C PHE A 175 31.23 14.92 -7.87
N ILE A 176 31.39 13.92 -8.74
CA ILE A 176 31.46 12.53 -8.29
C ILE A 176 32.71 12.30 -7.45
N THR A 177 33.83 12.89 -7.86
CA THR A 177 35.05 12.77 -7.07
C THR A 177 34.86 13.29 -5.66
N SER A 178 34.18 14.44 -5.51
CA SER A 178 33.95 14.99 -4.18
C SER A 178 32.94 14.15 -3.41
N MET A 179 31.87 13.69 -4.07
CA MET A 179 30.88 12.87 -3.39
C MET A 179 31.50 11.58 -2.88
N VAL A 180 32.25 10.89 -3.75
CA VAL A 180 32.89 9.64 -3.35
C VAL A 180 33.87 9.88 -2.21
N ARG A 181 34.66 10.96 -2.30
CA ARG A 181 35.61 11.26 -1.25
C ARG A 181 34.91 11.65 0.06
N ALA A 182 33.73 12.27 -0.04
CA ALA A 182 32.97 12.59 1.16
C ALA A 182 32.41 11.33 1.82
N LEU A 183 31.90 10.40 1.02
CA LEU A 183 31.39 9.14 1.59
C LEU A 183 32.50 8.33 2.23
N ASP A 184 33.70 8.36 1.65
CA ASP A 184 34.82 7.65 2.25
C ASP A 184 35.20 8.25 3.60
N GLU A 185 35.17 9.58 3.70
CA GLU A 185 35.44 10.24 4.97
C GLU A 185 34.38 9.90 6.01
N ALA A 186 33.12 9.79 5.58
CA ALA A 186 32.05 9.43 6.50
C ALA A 186 32.29 8.07 7.12
N MET A 187 32.67 7.09 6.29
CA MET A 187 32.91 5.74 6.82
C MET A 187 34.19 5.69 7.64
N ASN A 188 35.24 6.38 7.20
CA ASN A 188 36.50 6.38 7.94
C ASN A 188 36.33 6.96 9.34
N LYS A 189 35.47 7.97 9.48
CA LYS A 189 35.17 8.52 10.80
C LYS A 189 34.64 7.45 11.74
N LEU A 190 33.87 6.49 11.22
CA LEU A 190 33.32 5.42 12.04
C LEU A 190 34.43 4.58 12.68
N GLN A 191 35.59 4.49 12.04
CA GLN A 191 36.64 3.57 12.44
C GLN A 191 37.81 4.25 13.14
N ARG A 192 37.66 5.50 13.55
CA ARG A 192 38.74 6.21 14.22
C ARG A 192 38.62 6.15 15.73
N ASP A 197 41.90 13.55 17.97
CA ASP A 197 42.86 13.04 16.95
C ASP A 197 43.40 14.22 16.14
N PRO A 198 44.67 14.58 16.33
CA PRO A 198 45.37 15.64 15.59
C PRO A 198 45.68 15.30 14.14
N ALA A 199 46.03 14.04 13.84
CA ALA A 199 46.43 13.56 12.49
C ALA A 199 45.32 13.66 11.44
N TYR A 200 44.07 13.68 11.88
CA TYR A 200 42.91 13.70 10.96
C TYR A 200 42.52 15.13 10.57
N ASP A 201 43.33 16.12 10.88
CA ASP A 201 43.02 17.52 10.53
C ASP A 201 42.95 17.75 9.01
N GLU A 202 43.80 17.13 8.19
CA GLU A 202 43.70 17.36 6.72
C GLU A 202 42.44 16.67 6.18
N ASN A 203 42.13 15.50 6.70
CA ASN A 203 40.87 14.89 6.28
C ASN A 203 39.69 15.81 6.56
N LYS A 204 39.68 16.45 7.74
CA LYS A 204 38.55 17.31 8.11
C LYS A 204 38.44 18.51 7.18
N ARG A 205 39.57 19.16 6.89
CA ARG A 205 39.56 20.30 5.97
C ARG A 205 39.13 19.85 4.58
N GLN A 206 39.68 18.73 4.10
CA GLN A 206 39.29 18.18 2.81
C GLN A 206 37.78 17.93 2.74
N PHE A 207 37.19 17.47 3.85
CA PHE A 207 35.76 17.20 3.90
C PHE A 207 34.95 18.44 3.54
N GLN A 208 35.36 19.61 4.04
CA GLN A 208 34.65 20.85 3.75
C GLN A 208 34.80 21.26 2.29
N GLU A 209 35.95 21.00 1.68
CA GLU A 209 36.13 21.33 0.26
C GLU A 209 35.20 20.51 -0.62
N ASP A 210 35.01 19.23 -0.30
CA ASP A 210 34.14 18.38 -1.10
C ASP A 210 32.67 18.77 -0.90
N ILE A 211 32.30 19.16 0.31
CA ILE A 211 30.95 19.66 0.57
C ILE A 211 30.67 20.88 -0.30
N LYS A 212 31.64 21.79 -0.41
CA LYS A 212 31.46 23.00 -1.20
C LYS A 212 31.31 22.67 -2.68
N VAL A 213 32.09 21.71 -3.18
CA VAL A 213 31.98 21.31 -4.58
C VAL A 213 30.56 20.82 -4.88
N MET A 214 30.02 19.97 -4.01
CA MET A 214 28.70 19.41 -4.25
C MET A 214 27.62 20.49 -4.19
N ASN A 215 27.67 21.33 -3.15
CA ASN A 215 26.67 22.39 -3.01
C ASN A 215 26.72 23.35 -4.19
N ASP A 216 27.92 23.77 -4.60
CA ASP A 216 28.05 24.77 -5.65
C ASP A 216 27.44 24.31 -6.96
N LEU A 217 27.75 23.08 -7.40
CA LEU A 217 27.23 22.61 -8.67
C LEU A 217 25.73 22.43 -8.63
N VAL A 218 25.21 21.80 -7.58
CA VAL A 218 23.78 21.55 -7.49
C VAL A 218 23.02 22.87 -7.39
N ASP A 219 23.50 23.79 -6.55
CA ASP A 219 22.86 25.10 -6.46
C ASP A 219 22.87 25.82 -7.81
N LYS A 220 23.96 25.68 -8.57
CA LYS A 220 24.04 26.32 -9.88
C LYS A 220 23.01 25.75 -10.85
N ILE A 221 22.86 24.42 -10.87
CA ILE A 221 21.92 23.80 -11.79
C ILE A 221 20.49 24.19 -11.42
N ILE A 222 20.20 24.27 -10.13
CA ILE A 222 18.87 24.73 -9.70
C ILE A 222 18.63 26.17 -10.15
N ALA A 223 19.62 27.05 -9.90
CA ALA A 223 19.49 28.43 -10.35
C ALA A 223 19.39 28.51 -11.86
N ASP A 224 20.20 27.74 -12.58
CA ASP A 224 20.11 27.70 -14.05
C ASP A 224 18.73 27.28 -14.49
N ARG A 225 18.15 26.27 -13.85
CA ARG A 225 16.82 25.82 -14.22
C ARG A 225 15.78 26.87 -13.87
N LYS A 226 15.96 27.56 -12.74
CA LYS A 226 15.01 28.63 -12.39
C LYS A 226 15.14 29.79 -13.36
N ALA A 227 16.36 30.08 -13.81
CA ALA A 227 16.57 31.19 -14.74
C ALA A 227 16.02 30.88 -16.11
N SER A 228 15.94 29.60 -16.47
CA SER A 228 15.49 29.21 -17.80
C SER A 228 13.99 29.03 -17.91
N GLY A 229 13.34 28.61 -16.82
CA GLY A 229 11.92 28.32 -16.87
C GLY A 229 11.56 27.09 -17.67
N GLU A 230 12.54 26.33 -18.12
CA GLU A 230 12.29 25.12 -18.88
C GLU A 230 11.69 24.03 -17.99
N GLN A 231 10.83 23.21 -18.58
CA GLN A 231 10.20 22.09 -17.91
C GLN A 231 10.72 20.80 -18.54
N SER A 232 11.31 19.94 -17.73
CA SER A 232 11.80 18.65 -18.18
C SER A 232 11.03 17.53 -17.47
N ASP A 233 11.34 16.29 -17.82
CA ASP A 233 10.75 15.12 -17.19
C ASP A 233 11.59 14.62 -16.03
N ASP A 234 12.24 15.52 -15.30
CA ASP A 234 13.17 15.16 -14.24
C ASP A 234 12.59 15.51 -12.87
N LEU A 235 13.25 14.98 -11.84
CA LEU A 235 12.82 15.21 -10.46
C LEU A 235 12.95 16.68 -10.08
N LEU A 236 13.90 17.41 -10.68
CA LEU A 236 14.12 18.80 -10.32
C LEU A 236 12.91 19.66 -10.69
N THR A 237 12.31 19.41 -11.86
CA THR A 237 11.10 20.14 -12.23
C THR A 237 9.96 19.85 -11.27
N HIS A 238 9.80 18.58 -10.87
CA HIS A 238 8.74 18.21 -9.94
C HIS A 238 8.91 18.93 -8.60
N MET A 239 10.15 19.11 -8.17
CA MET A 239 10.39 19.78 -6.89
C MET A 239 10.25 21.29 -7.00
N LEU A 240 10.54 21.88 -8.16
CA LEU A 240 10.37 23.32 -8.32
C LEU A 240 8.90 23.71 -8.47
N ASN A 241 8.06 22.79 -8.93
CA ASN A 241 6.65 23.07 -9.16
C ASN A 241 5.73 22.40 -8.15
N GLY A 242 6.24 21.43 -7.39
CA GLY A 242 5.38 20.68 -6.49
C GLY A 242 5.10 21.42 -5.19
N LYS A 243 3.94 21.14 -4.62
CA LYS A 243 3.53 21.65 -3.32
C LYS A 243 3.08 20.50 -2.44
N ASP A 244 3.54 20.52 -1.19
CA ASP A 244 3.06 19.56 -0.20
C ASP A 244 1.57 19.74 0.00
N PRO A 245 0.74 18.72 -0.26
CA PRO A 245 -0.70 18.88 -0.01
C PRO A 245 -1.04 19.17 1.45
N GLU A 246 -0.27 18.64 2.40
CA GLU A 246 -0.56 18.82 3.81
C GLU A 246 -0.41 20.29 4.21
N THR A 247 0.81 20.81 4.15
CA THR A 247 1.06 22.19 4.57
C THR A 247 0.83 23.21 3.47
N GLY A 248 0.67 22.77 2.21
CA GLY A 248 0.55 23.70 1.11
C GLY A 248 1.83 24.35 0.65
N GLU A 249 2.99 23.98 1.24
CA GLU A 249 4.26 24.63 0.97
C GLU A 249 5.08 23.84 -0.04
N PRO A 250 5.87 24.53 -0.86
CA PRO A 250 6.88 23.86 -1.67
C PRO A 250 8.21 23.72 -0.93
N LEU A 251 9.04 22.81 -1.42
CA LEU A 251 10.39 22.69 -0.91
C LEU A 251 11.19 23.94 -1.25
N ASP A 252 11.98 24.41 -0.30
CA ASP A 252 12.86 25.54 -0.59
C ASP A 252 14.08 25.07 -1.37
N ASP A 253 14.82 26.04 -1.91
CA ASP A 253 15.93 25.70 -2.80
C ASP A 253 17.04 24.94 -2.09
N GLU A 254 17.28 25.22 -0.81
CA GLU A 254 18.33 24.50 -0.09
C GLU A 254 17.97 23.03 0.05
N ASN A 255 16.70 22.73 0.38
CA ASN A 255 16.30 21.34 0.53
C ASN A 255 16.32 20.61 -0.81
N ILE A 256 15.92 21.28 -1.89
CA ILE A 256 15.98 20.66 -3.22
C ILE A 256 17.41 20.21 -3.52
N ARG A 257 18.39 21.04 -3.16
CA ARG A 257 19.80 20.66 -3.32
C ARG A 257 20.11 19.38 -2.53
N TYR A 258 19.67 19.33 -1.27
CA TYR A 258 19.95 18.16 -0.44
C TYR A 258 19.27 16.91 -0.99
N GLN A 259 18.07 17.07 -1.56
CA GLN A 259 17.39 15.91 -2.15
C GLN A 259 18.14 15.39 -3.37
N ILE A 260 18.70 16.30 -4.19
CA ILE A 260 19.44 15.87 -5.38
C ILE A 260 20.72 15.17 -4.98
N ILE A 261 21.47 15.76 -4.05
CA ILE A 261 22.65 15.09 -3.50
C ILE A 261 22.26 13.74 -2.91
N THR A 262 21.09 13.67 -2.25
CA THR A 262 20.65 12.43 -1.62
C THR A 262 20.38 11.34 -2.64
N PHE A 263 19.67 11.68 -3.73
CA PHE A 263 19.40 10.69 -4.76
C PHE A 263 20.69 10.14 -5.35
N LEU A 264 21.68 11.01 -5.57
CA LEU A 264 22.96 10.56 -6.08
C LEU A 264 23.66 9.64 -5.08
N ILE A 265 23.66 10.02 -3.80
CA ILE A 265 24.27 9.18 -2.77
C ILE A 265 23.49 7.88 -2.60
N ALA A 266 22.21 7.99 -2.22
CA ALA A 266 21.42 6.82 -1.86
C ALA A 266 21.18 5.89 -3.04
N GLY A 267 21.30 6.37 -4.26
CA GLY A 267 20.87 5.59 -5.40
C GLY A 267 21.95 4.98 -6.27
N HIS A 268 23.09 5.66 -6.43
CA HIS A 268 24.01 5.29 -7.50
C HIS A 268 24.71 3.97 -7.19
N GLU A 269 25.31 3.84 -6.01
CA GLU A 269 26.16 2.67 -5.75
C GLU A 269 25.39 1.51 -5.14
N THR A 270 24.25 1.78 -4.50
CA THR A 270 23.34 0.70 -4.13
C THR A 270 22.85 -0.03 -5.39
N THR A 271 22.44 0.74 -6.41
CA THR A 271 21.90 0.12 -7.61
C THR A 271 22.99 -0.51 -8.45
N SER A 272 24.17 0.12 -8.52
CA SER A 272 25.27 -0.48 -9.28
C SER A 272 25.78 -1.74 -8.62
N GLY A 273 25.77 -1.79 -7.28
CA GLY A 273 26.10 -3.03 -6.60
C GLY A 273 25.11 -4.14 -6.88
N LEU A 274 23.82 -3.80 -6.95
CA LEU A 274 22.81 -4.79 -7.28
C LEU A 274 23.05 -5.39 -8.65
N LEU A 275 23.27 -4.54 -9.66
CA LEU A 275 23.56 -5.04 -11.00
C LEU A 275 24.84 -5.87 -11.01
N SER A 276 25.86 -5.44 -10.28
CA SER A 276 27.12 -6.19 -10.23
C SER A 276 26.95 -7.53 -9.56
N PHE A 277 26.29 -7.56 -8.41
CA PHE A 277 26.03 -8.83 -7.73
C PHE A 277 25.13 -9.74 -8.56
N ALA A 278 24.14 -9.16 -9.25
CA ALA A 278 23.25 -9.97 -10.08
C ALA A 278 24.03 -10.68 -11.18
N LEU A 279 24.89 -9.93 -11.89
CA LEU A 279 25.67 -10.54 -12.97
C LEU A 279 26.65 -11.57 -12.44
N TYR A 280 27.28 -11.29 -11.30
CA TYR A 280 28.15 -12.27 -10.65
C TYR A 280 27.39 -13.56 -10.37
N PHE A 281 26.22 -13.46 -9.76
CA PHE A 281 25.46 -14.66 -9.42
C PHE A 281 24.98 -15.38 -10.67
N LEU A 282 24.69 -14.66 -11.75
CA LEU A 282 24.27 -15.30 -12.98
C LEU A 282 25.41 -16.11 -13.61
N VAL A 283 26.61 -15.52 -13.70
CA VAL A 283 27.71 -16.24 -14.33
C VAL A 283 28.23 -17.37 -13.45
N LYS A 284 27.95 -17.35 -12.15
CA LYS A 284 28.28 -18.46 -11.29
C LYS A 284 27.21 -19.54 -11.30
N ASN A 285 26.04 -19.26 -11.89
CA ASN A 285 24.93 -20.21 -11.94
C ASN A 285 24.41 -20.24 -13.38
N PRO A 286 25.10 -20.98 -14.25
CA PRO A 286 24.78 -20.92 -15.70
C PRO A 286 23.36 -21.32 -16.05
N HIS A 287 22.75 -22.22 -15.28
CA HIS A 287 21.35 -22.58 -15.53
C HIS A 287 20.43 -21.40 -15.28
N VAL A 288 20.69 -20.64 -14.21
CA VAL A 288 19.90 -19.45 -13.93
C VAL A 288 20.13 -18.39 -15.02
N LEU A 289 21.38 -18.23 -15.44
CA LEU A 289 21.68 -17.29 -16.51
C LEU A 289 20.93 -17.64 -17.79
N GLN A 290 20.97 -18.92 -18.17
CA GLN A 290 20.25 -19.36 -19.37
C GLN A 290 18.77 -19.07 -19.27
N LYS A 291 18.16 -19.33 -18.10
CA LYS A 291 16.74 -19.06 -17.93
C LYS A 291 16.44 -17.57 -18.04
N ALA A 292 17.31 -16.73 -17.46
CA ALA A 292 17.11 -15.29 -17.57
C ALA A 292 17.36 -14.79 -18.99
N ALA A 293 18.37 -15.36 -19.66
CA ALA A 293 18.63 -14.98 -21.04
C ALA A 293 17.49 -15.41 -21.96
N GLU A 294 16.86 -16.55 -21.66
CA GLU A 294 15.70 -16.99 -22.44
C GLU A 294 14.57 -15.96 -22.35
N GLU A 295 14.26 -15.50 -21.13
CA GLU A 295 13.20 -14.52 -20.95
C GLU A 295 13.52 -13.21 -21.66
N ALA A 296 14.77 -12.75 -21.57
CA ALA A 296 15.16 -11.49 -22.21
C ALA A 296 14.96 -11.56 -23.72
N ALA A 297 15.30 -12.70 -24.33
CA ALA A 297 15.14 -12.83 -25.78
C ALA A 297 13.68 -12.92 -26.17
N ARG A 298 12.86 -13.61 -25.37
CA ARG A 298 11.45 -13.76 -25.70
C ARG A 298 10.69 -12.46 -25.51
N VAL A 299 11.06 -11.67 -24.50
CA VAL A 299 10.29 -10.47 -24.15
C VAL A 299 10.76 -9.26 -24.94
N LEU A 300 12.07 -9.06 -25.08
CA LEU A 300 12.61 -7.84 -25.69
C LEU A 300 12.71 -8.03 -27.21
N VAL A 301 11.52 -7.98 -27.84
CA VAL A 301 11.43 -8.26 -29.28
C VAL A 301 11.69 -7.05 -30.15
N ASP A 302 11.87 -5.87 -29.56
CA ASP A 302 12.11 -4.64 -30.29
C ASP A 302 13.56 -4.17 -30.09
N PRO A 303 14.08 -3.37 -31.02
CA PRO A 303 15.45 -2.85 -30.83
C PRO A 303 15.64 -2.07 -29.56
N VAL A 304 14.59 -1.41 -29.08
CA VAL A 304 14.62 -0.62 -27.86
C VAL A 304 13.55 -1.17 -26.92
N PRO A 305 13.88 -1.53 -25.68
CA PRO A 305 12.85 -2.02 -24.77
C PRO A 305 11.87 -0.92 -24.40
N SER A 306 10.60 -1.31 -24.28
CA SER A 306 9.56 -0.41 -23.81
C SER A 306 9.35 -0.58 -22.31
N TYR A 307 8.63 0.38 -21.72
CA TYR A 307 8.27 0.27 -20.31
C TYR A 307 7.49 -1.02 -20.05
N LYS A 308 6.51 -1.34 -20.90
CA LYS A 308 5.70 -2.52 -20.70
C LYS A 308 6.54 -3.80 -20.80
N GLN A 309 7.53 -3.81 -21.68
CA GLN A 309 8.38 -4.99 -21.81
C GLN A 309 9.22 -5.22 -20.56
N VAL A 310 9.70 -4.15 -19.93
CA VAL A 310 10.49 -4.29 -18.71
C VAL A 310 9.64 -4.89 -17.60
N LYS A 311 8.36 -4.52 -17.54
CA LYS A 311 7.45 -5.11 -16.57
C LYS A 311 7.24 -6.60 -16.83
N GLN A 312 7.44 -7.04 -18.07
CA GLN A 312 7.27 -8.46 -18.41
C GLN A 312 8.50 -9.31 -18.07
N LEU A 313 9.61 -8.69 -17.67
CA LEU A 313 10.83 -9.43 -17.34
C LEU A 313 10.72 -9.97 -15.91
N LYS A 314 9.80 -10.92 -15.75
CA LYS A 314 9.47 -11.45 -14.42
C LYS A 314 10.65 -12.16 -13.80
N TYR A 315 11.29 -13.07 -14.55
CA TYR A 315 12.38 -13.85 -13.97
C TYR A 315 13.60 -12.97 -13.71
N VAL A 316 13.84 -11.98 -14.57
CA VAL A 316 14.91 -11.01 -14.31
C VAL A 316 14.64 -10.28 -12.99
N GLY A 317 13.38 -9.94 -12.72
CA GLY A 317 13.05 -9.34 -11.44
C GLY A 317 13.32 -10.27 -10.26
N MET A 318 13.02 -11.55 -10.42
CA MET A 318 13.34 -12.51 -9.36
C MET A 318 14.84 -12.65 -9.16
N VAL A 319 15.61 -12.59 -10.26
CA VAL A 319 17.07 -12.63 -10.16
C VAL A 319 17.56 -11.46 -9.33
N LEU A 320 17.04 -10.27 -9.59
CA LEU A 320 17.46 -9.09 -8.85
C LEU A 320 17.08 -9.21 -7.37
N ASN A 321 15.87 -9.72 -7.10
CA ASN A 321 15.44 -9.88 -5.71
C ASN A 321 16.32 -10.89 -4.98
N GLU A 322 16.67 -11.99 -5.63
CA GLU A 322 17.55 -12.97 -5.01
C GLU A 322 18.96 -12.43 -4.80
N ALA A 323 19.42 -11.57 -5.72
CA ALA A 323 20.70 -10.91 -5.50
C ALA A 323 20.62 -9.95 -4.31
N LEU A 324 19.49 -9.26 -4.16
CA LEU A 324 19.29 -8.41 -3.00
C LEU A 324 19.18 -9.21 -1.71
N ARG A 325 18.66 -10.44 -1.79
CA ARG A 325 18.59 -11.28 -0.61
C ARG A 325 20.00 -11.60 -0.09
N LEU A 326 20.86 -12.10 -0.97
CA LEU A 326 22.18 -12.54 -0.50
C LEU A 326 23.06 -11.36 -0.12
N TRP A 327 23.04 -10.29 -0.89
CA TRP A 327 23.89 -9.13 -0.64
C TRP A 327 23.13 -7.83 -0.86
N PRO A 328 22.26 -7.45 0.09
CA PRO A 328 21.61 -6.15 0.02
C PRO A 328 22.65 -5.03 0.10
N THR A 329 22.62 -4.14 -0.90
CA THR A 329 23.71 -3.17 -1.06
C THR A 329 23.59 -1.99 -0.10
N ALA A 330 22.45 -1.80 0.55
CA ALA A 330 22.33 -0.91 1.70
C ALA A 330 22.14 -1.80 2.91
N PRO A 331 23.23 -2.28 3.53
CA PRO A 331 23.15 -3.50 4.34
C PRO A 331 22.59 -3.33 5.74
N ALA A 332 22.19 -2.13 6.16
CA ALA A 332 21.64 -2.00 7.51
C ALA A 332 20.83 -0.71 7.59
N PHE A 333 19.92 -0.69 8.58
CA PHE A 333 19.26 0.55 8.98
C PHE A 333 19.03 0.48 10.49
N SER A 334 18.76 1.65 11.06
CA SER A 334 18.72 1.83 12.51
C SER A 334 17.34 2.25 12.97
N LEU A 335 16.96 1.78 14.16
CA LEU A 335 15.66 2.08 14.75
C LEU A 335 15.84 2.45 16.22
N TYR A 336 14.86 3.18 16.75
CA TYR A 336 14.82 3.49 18.17
C TYR A 336 13.41 3.23 18.69
N ALA A 337 13.33 2.87 19.96
CA ALA A 337 12.04 2.59 20.60
C ALA A 337 11.34 3.88 20.95
N LYS A 338 10.09 4.02 20.47
CA LYS A 338 9.31 5.22 20.80
C LYS A 338 8.92 5.25 22.27
N GLU A 339 8.68 4.08 22.87
CA GLU A 339 8.38 3.98 24.29
C GLU A 339 9.04 2.71 24.83
N ASP A 340 8.95 2.51 26.14
CA ASP A 340 9.44 1.25 26.77
C ASP A 340 8.65 0.09 26.13
N THR A 341 9.35 -0.97 25.79
CA THR A 341 8.71 -2.13 25.13
C THR A 341 9.56 -3.38 25.35
N VAL A 342 9.01 -4.53 25.07
CA VAL A 342 9.77 -5.80 25.23
C VAL A 342 9.84 -6.45 23.87
N LEU A 343 11.04 -6.75 23.44
CA LEU A 343 11.27 -7.34 22.12
C LEU A 343 11.31 -8.85 22.28
N GLY A 344 10.46 -9.54 21.53
CA GLY A 344 10.40 -11.00 21.46
C GLY A 344 10.13 -11.69 22.79
N GLY A 345 9.41 -11.03 23.69
CA GLY A 345 9.02 -11.55 25.01
C GLY A 345 10.17 -11.72 26.00
N GLU A 346 11.38 -11.24 25.73
CA GLU A 346 12.48 -11.51 26.68
C GLU A 346 13.60 -10.46 26.67
N TYR A 347 13.49 -9.41 25.86
CA TYR A 347 14.55 -8.38 25.85
C TYR A 347 13.93 -7.01 26.08
N PRO A 348 13.81 -6.57 27.33
CA PRO A 348 13.24 -5.29 27.64
C PRO A 348 14.09 -4.15 27.09
N LEU A 349 13.40 -3.18 26.53
CA LEU A 349 14.04 -2.01 25.94
C LEU A 349 13.42 -0.76 26.56
N GLU A 350 14.23 0.23 26.84
CA GLU A 350 13.73 1.50 27.40
C GLU A 350 13.50 2.46 26.23
N LYS A 351 12.65 3.43 26.44
CA LYS A 351 12.42 4.48 25.45
C LYS A 351 13.73 5.08 24.99
N GLY A 352 13.91 5.14 23.67
CA GLY A 352 15.12 5.68 23.08
C GLY A 352 16.20 4.65 22.78
N ASP A 353 16.07 3.42 23.29
CA ASP A 353 17.06 2.40 23.00
C ASP A 353 17.14 2.12 21.51
N GLU A 354 18.35 1.88 21.01
CA GLU A 354 18.62 1.79 19.59
C GLU A 354 18.73 0.35 19.13
N LEU A 355 18.32 0.10 17.88
CA LEU A 355 18.45 -1.20 17.25
C LEU A 355 19.10 -1.03 15.88
N MET A 356 19.86 -2.04 15.47
CA MET A 356 20.40 -2.13 14.13
C MET A 356 19.89 -3.40 13.47
N VAL A 357 19.37 -3.26 12.25
CA VAL A 357 18.86 -4.39 11.48
C VAL A 357 19.97 -4.81 10.52
N LEU A 358 20.58 -5.97 10.77
CA LEU A 358 21.65 -6.49 9.94
C LEU A 358 21.00 -7.26 8.81
N ILE A 359 20.79 -6.56 7.68
CA ILE A 359 19.95 -7.12 6.61
C ILE A 359 20.54 -8.39 6.00
N PRO A 360 21.84 -8.50 5.70
CA PRO A 360 22.33 -9.76 5.12
C PRO A 360 22.14 -10.96 6.04
N GLN A 361 22.17 -10.75 7.36
CA GLN A 361 21.92 -11.86 8.28
C GLN A 361 20.44 -12.22 8.32
N LEU A 362 19.56 -11.21 8.35
CA LEU A 362 18.12 -11.45 8.24
C LEU A 362 17.80 -12.34 7.05
N HIS A 363 18.41 -12.06 5.90
CA HIS A 363 18.14 -12.79 4.67
C HIS A 363 18.75 -14.18 4.64
N ARG A 364 19.48 -14.57 5.68
CA ARG A 364 20.04 -15.92 5.79
C ARG A 364 19.39 -16.72 6.91
N ASP A 365 18.23 -16.28 7.39
CA ASP A 365 17.49 -16.96 8.45
C ASP A 365 16.95 -18.28 7.92
N LYS A 366 17.54 -19.39 8.35
CA LYS A 366 17.16 -20.70 7.83
C LYS A 366 15.72 -21.07 8.19
N THR A 367 15.15 -20.49 9.24
CA THR A 367 13.76 -20.76 9.57
C THR A 367 12.81 -20.19 8.52
N ILE A 368 13.27 -19.25 7.71
CA ILE A 368 12.45 -18.64 6.67
C ILE A 368 12.74 -19.26 5.30
N TRP A 369 14.02 -19.38 4.95
CA TRP A 369 14.42 -19.74 3.60
C TRP A 369 14.80 -21.20 3.44
N GLY A 370 14.92 -21.96 4.51
CA GLY A 370 15.38 -23.33 4.42
C GLY A 370 16.88 -23.43 4.65
N ASP A 371 17.40 -24.64 4.42
CA ASP A 371 18.82 -24.85 4.64
C ASP A 371 19.69 -24.26 3.53
N ASP A 372 19.16 -24.17 2.31
CA ASP A 372 19.95 -23.68 1.18
C ASP A 372 19.98 -22.16 1.12
N VAL A 373 20.23 -21.50 2.26
CA VAL A 373 20.19 -20.05 2.29
C VAL A 373 21.30 -19.45 1.44
N GLU A 374 22.43 -20.13 1.30
CA GLU A 374 23.55 -19.60 0.54
C GLU A 374 23.42 -19.85 -0.96
N GLU A 375 22.45 -20.65 -1.39
CA GLU A 375 22.27 -20.94 -2.80
C GLU A 375 21.51 -19.81 -3.49
N PHE A 376 21.89 -19.53 -4.73
CA PHE A 376 21.24 -18.50 -5.53
C PHE A 376 20.12 -19.16 -6.33
N ARG A 377 18.88 -18.99 -5.86
CA ARG A 377 17.71 -19.59 -6.48
C ARG A 377 16.64 -18.50 -6.60
N PRO A 378 16.57 -17.81 -7.75
CA PRO A 378 15.53 -16.78 -7.92
C PRO A 378 14.12 -17.31 -7.73
N GLU A 379 13.91 -18.62 -7.84
CA GLU A 379 12.58 -19.20 -7.70
C GLU A 379 11.98 -18.99 -6.32
N ARG A 380 12.79 -18.62 -5.32
CA ARG A 380 12.27 -18.26 -4.01
C ARG A 380 11.21 -17.17 -4.09
N PHE A 381 11.33 -16.27 -5.06
CA PHE A 381 10.45 -15.12 -5.18
C PHE A 381 9.37 -15.34 -6.23
N GLU A 382 9.14 -16.58 -6.65
CA GLU A 382 8.14 -16.86 -7.68
C GLU A 382 6.75 -16.43 -7.25
N ASN A 383 6.40 -16.67 -5.98
CA ASN A 383 5.11 -16.25 -5.43
C ASN A 383 5.32 -15.34 -4.23
N PRO A 384 5.01 -14.04 -4.33
CA PRO A 384 5.36 -13.13 -3.23
C PRO A 384 4.57 -13.29 -1.95
N SER A 385 3.41 -13.95 -1.97
CA SER A 385 2.67 -14.17 -0.73
C SER A 385 3.23 -15.33 0.09
N ALA A 386 4.12 -16.15 -0.47
CA ALA A 386 4.71 -17.26 0.28
C ALA A 386 5.82 -16.81 1.22
N ILE A 387 6.20 -15.54 1.18
CA ILE A 387 7.30 -15.03 1.98
C ILE A 387 6.71 -14.45 3.27
N PRO A 388 7.14 -14.90 4.45
CA PRO A 388 6.58 -14.37 5.70
C PRO A 388 6.84 -12.89 5.86
N GLN A 389 6.07 -12.29 6.77
CA GLN A 389 6.14 -10.85 6.98
C GLN A 389 7.52 -10.41 7.44
N HIS A 390 8.05 -9.36 6.80
CA HIS A 390 9.28 -8.70 7.23
C HIS A 390 10.51 -9.60 7.13
N ALA A 391 10.46 -10.64 6.29
CA ALA A 391 11.61 -11.49 6.09
C ALA A 391 12.58 -10.93 5.05
N PHE A 392 12.12 -10.06 4.17
CA PHE A 392 12.90 -9.57 3.04
C PHE A 392 12.82 -8.05 3.05
N LYS A 393 13.90 -7.39 3.50
CA LYS A 393 13.88 -5.94 3.73
C LYS A 393 15.08 -5.24 3.10
N PRO A 394 15.34 -5.44 1.80
CA PRO A 394 16.47 -4.74 1.17
C PRO A 394 16.24 -3.25 0.99
N PHE A 395 15.01 -2.77 1.11
CA PHE A 395 14.68 -1.37 0.89
C PHE A 395 14.14 -0.69 2.15
N GLY A 396 14.45 -1.22 3.33
CA GLY A 396 14.00 -0.59 4.55
C GLY A 396 12.58 -1.01 4.92
N ASN A 397 11.93 -0.17 5.72
CA ASN A 397 10.64 -0.53 6.30
C ASN A 397 9.73 0.68 6.40
N GLY A 398 8.45 0.46 6.10
CA GLY A 398 7.40 1.41 6.43
C GLY A 398 7.49 2.71 5.68
N GLN A 399 7.11 3.79 6.36
CA GLN A 399 7.14 5.12 5.74
C GLN A 399 8.56 5.61 5.52
N ARG A 400 9.55 4.99 6.17
CA ARG A 400 10.96 5.32 5.95
C ARG A 400 11.64 4.33 5.02
N ALA A 401 10.85 3.60 4.23
CA ALA A 401 11.42 2.69 3.25
C ALA A 401 12.00 3.48 2.08
N CYS A 402 12.79 2.79 1.25
CA CYS A 402 13.41 3.41 0.08
C CYS A 402 12.37 4.00 -0.86
N ILE A 403 12.40 5.31 -1.04
CA ILE A 403 11.49 5.95 -1.99
C ILE A 403 11.88 5.62 -3.43
N GLY A 404 13.14 5.26 -3.67
CA GLY A 404 13.64 4.96 -5.00
C GLY A 404 13.57 3.51 -5.40
N GLN A 405 12.85 2.69 -4.63
CA GLN A 405 12.78 1.26 -4.91
C GLN A 405 12.32 0.97 -6.33
N GLN A 406 11.21 1.59 -6.75
CA GLN A 406 10.72 1.36 -8.09
C GLN A 406 11.69 1.88 -9.14
N PHE A 407 12.34 3.01 -8.86
CA PHE A 407 13.37 3.53 -9.76
C PHE A 407 14.53 2.56 -9.88
N ALA A 408 15.05 2.07 -8.75
CA ALA A 408 16.20 1.18 -8.78
C ALA A 408 15.88 -0.13 -9.50
N LEU A 409 14.69 -0.69 -9.23
CA LEU A 409 14.34 -1.98 -9.83
C LEU A 409 13.99 -1.83 -11.31
N HIS A 410 13.44 -0.70 -11.72
CA HIS A 410 13.15 -0.51 -13.14
C HIS A 410 14.43 -0.35 -13.95
N GLU A 411 15.35 0.49 -13.48
CA GLU A 411 16.65 0.63 -14.14
C GLU A 411 17.38 -0.71 -14.18
N ALA A 412 17.43 -1.41 -13.06
CA ALA A 412 18.20 -2.65 -13.00
C ALA A 412 17.58 -3.74 -13.86
N THR A 413 16.24 -3.79 -13.93
CA THR A 413 15.60 -4.77 -14.79
C THR A 413 15.81 -4.45 -16.26
N LEU A 414 15.71 -3.17 -16.63
CA LEU A 414 15.95 -2.75 -18.01
C LEU A 414 17.37 -3.08 -18.44
N VAL A 415 18.35 -2.71 -17.61
CA VAL A 415 19.75 -2.83 -18.01
C VAL A 415 20.16 -4.31 -18.05
N LEU A 416 19.80 -5.06 -17.01
CA LEU A 416 20.13 -6.49 -16.99
C LEU A 416 19.46 -7.22 -18.16
N GLY A 417 18.21 -6.89 -18.44
CA GLY A 417 17.53 -7.51 -19.57
C GLY A 417 18.21 -7.23 -20.89
N MET A 418 18.65 -5.98 -21.09
CA MET A 418 19.38 -5.64 -22.31
C MET A 418 20.73 -6.34 -22.37
N MET A 419 21.43 -6.41 -21.23
CA MET A 419 22.70 -7.14 -21.18
C MET A 419 22.49 -8.60 -21.56
N LEU A 420 21.45 -9.23 -21.02
CA LEU A 420 21.21 -10.64 -21.29
C LEU A 420 20.75 -10.86 -22.73
N LYS A 421 20.09 -9.88 -23.33
CA LYS A 421 19.64 -10.03 -24.71
C LYS A 421 20.81 -9.96 -25.69
N HIS A 422 21.76 -9.06 -25.44
CA HIS A 422 22.76 -8.72 -26.44
C HIS A 422 24.09 -9.45 -26.27
N PHE A 423 24.34 -10.10 -25.14
CA PHE A 423 25.65 -10.71 -24.92
C PHE A 423 25.53 -12.05 -24.21
N ASP A 424 26.45 -12.94 -24.55
CA ASP A 424 26.80 -14.07 -23.69
C ASP A 424 28.00 -13.67 -22.84
N PHE A 425 28.04 -14.18 -21.62
CA PHE A 425 29.05 -13.77 -20.66
C PHE A 425 29.93 -14.95 -20.27
N GLU A 426 31.22 -14.67 -20.07
CA GLU A 426 32.19 -15.66 -19.65
C GLU A 426 32.89 -15.18 -18.39
N ASP A 427 32.91 -16.03 -17.36
CA ASP A 427 33.69 -15.80 -16.14
C ASP A 427 35.11 -16.26 -16.40
N HIS A 428 35.84 -15.45 -17.18
CA HIS A 428 37.11 -15.89 -17.75
C HIS A 428 38.23 -16.02 -16.72
N THR A 429 38.07 -15.42 -15.54
CA THR A 429 39.10 -15.52 -14.51
C THR A 429 38.72 -16.47 -13.37
N ASN A 430 37.55 -17.11 -13.46
CA ASN A 430 36.96 -17.81 -12.32
C ASN A 430 37.02 -16.92 -11.08
N TYR A 431 36.37 -15.77 -11.19
CA TYR A 431 36.49 -14.70 -10.21
C TYR A 431 36.11 -15.18 -8.82
N GLU A 432 36.97 -14.88 -7.85
CA GLU A 432 36.73 -15.20 -6.46
C GLU A 432 36.07 -14.00 -5.79
N LEU A 433 34.86 -14.19 -5.28
CA LEU A 433 34.08 -13.08 -4.73
C LEU A 433 34.86 -12.39 -3.61
N ASP A 434 35.05 -11.09 -3.77
CA ASP A 434 35.73 -10.25 -2.78
C ASP A 434 34.90 -8.98 -2.64
N ILE A 435 34.24 -8.82 -1.49
CA ILE A 435 33.26 -7.77 -1.30
C ILE A 435 33.94 -6.60 -0.62
N LYS A 436 34.14 -5.52 -1.37
CA LYS A 436 34.67 -4.28 -0.80
C LYS A 436 33.54 -3.54 -0.10
N GLU A 437 33.86 -2.95 1.06
CA GLU A 437 32.86 -2.32 1.90
C GLU A 437 33.16 -0.83 2.04
N THR A 438 32.22 -0.02 1.58
CA THR A 438 32.13 1.39 1.95
C THR A 438 30.91 1.54 2.87
N LEU A 439 30.04 2.52 2.65
CA LEU A 439 28.72 2.44 3.26
C LEU A 439 27.80 1.48 2.52
N THR A 440 28.26 0.95 1.37
CA THR A 440 27.53 -0.02 0.57
C THR A 440 28.46 -1.19 0.25
N LEU A 441 27.95 -2.15 -0.50
CA LEU A 441 28.65 -3.39 -0.81
C LEU A 441 28.76 -3.57 -2.32
N LYS A 442 29.91 -4.08 -2.77
CA LYS A 442 30.14 -4.31 -4.19
C LYS A 442 31.17 -5.42 -4.36
N PRO A 443 31.09 -6.20 -5.44
CA PRO A 443 32.12 -7.22 -5.69
C PRO A 443 33.36 -6.63 -6.35
N GLU A 444 34.37 -6.32 -5.54
CA GLU A 444 35.57 -5.65 -6.05
C GLU A 444 36.34 -6.56 -7.00
N GLY A 445 36.76 -5.99 -8.13
CA GLY A 445 37.55 -6.73 -9.10
C GLY A 445 36.78 -7.72 -9.94
N PHE A 446 35.46 -7.72 -9.87
CA PHE A 446 34.65 -8.62 -10.68
C PHE A 446 34.78 -8.24 -12.15
N VAL A 447 35.22 -9.18 -12.98
CA VAL A 447 35.43 -8.96 -14.41
C VAL A 447 34.84 -10.10 -15.20
N VAL A 448 34.32 -9.79 -16.39
CA VAL A 448 33.79 -10.78 -17.32
C VAL A 448 34.21 -10.41 -18.74
N LYS A 449 34.10 -11.39 -19.64
CA LYS A 449 34.16 -11.16 -21.07
C LYS A 449 32.75 -11.26 -21.66
N ALA A 450 32.46 -10.41 -22.64
CA ALA A 450 31.18 -10.44 -23.33
C ALA A 450 31.41 -10.73 -24.81
N LYS A 451 30.70 -11.72 -25.33
CA LYS A 451 30.67 -12.02 -26.76
C LYS A 451 29.32 -11.59 -27.29
N SER A 452 29.32 -10.67 -28.24
CA SER A 452 28.07 -10.10 -28.74
C SER A 452 27.25 -11.14 -29.49
N LYS A 453 25.94 -11.11 -29.28
CA LYS A 453 25.01 -11.87 -30.09
C LYS A 453 24.70 -11.19 -31.42
N LYS A 454 25.31 -10.02 -31.68
CA LYS A 454 25.21 -9.33 -32.96
C LYS A 454 23.77 -8.90 -33.26
N ILE A 455 23.05 -8.51 -32.23
CA ILE A 455 21.67 -8.05 -32.36
C ILE A 455 21.67 -6.52 -32.41
N PRO A 456 21.15 -5.91 -33.46
CA PRO A 456 21.24 -4.45 -33.58
C PRO A 456 20.32 -3.73 -32.61
N LEU A 457 20.65 -2.46 -32.37
CA LEU A 457 19.89 -1.62 -31.45
C LEU A 457 18.88 -0.77 -32.21
N LYS B 5 -13.79 11.87 -28.22
CA LYS B 5 -14.87 12.85 -28.35
C LYS B 5 -16.23 12.15 -28.35
N GLU B 6 -16.42 11.24 -29.30
CA GLU B 6 -17.65 10.47 -29.38
C GLU B 6 -17.64 9.36 -28.34
N MET B 7 -18.70 9.26 -27.56
CA MET B 7 -18.69 8.39 -26.39
C MET B 7 -19.34 7.05 -26.71
N PRO B 8 -18.69 5.94 -26.39
CA PRO B 8 -19.28 4.62 -26.65
C PRO B 8 -20.56 4.41 -25.86
N GLN B 9 -21.37 3.44 -26.32
CA GLN B 9 -22.66 3.14 -25.74
C GLN B 9 -23.00 1.68 -25.98
N PRO B 10 -23.52 0.97 -24.97
CA PRO B 10 -23.90 -0.43 -25.17
C PRO B 10 -25.16 -0.59 -26.01
N LYS B 11 -25.58 -1.84 -26.25
CA LYS B 11 -26.71 -2.09 -27.14
C LYS B 11 -27.99 -1.48 -26.58
N THR B 12 -28.89 -1.15 -27.50
CA THR B 12 -30.15 -0.47 -27.17
C THR B 12 -31.33 -1.39 -27.42
N PHE B 13 -32.47 -0.99 -26.84
CA PHE B 13 -33.72 -1.75 -26.93
C PHE B 13 -34.85 -0.85 -27.43
N GLY B 14 -34.64 -0.26 -28.62
CA GLY B 14 -35.65 0.60 -29.19
C GLY B 14 -35.92 1.81 -28.31
N GLU B 15 -37.20 1.99 -27.95
CA GLU B 15 -37.60 3.14 -27.14
C GLU B 15 -37.03 3.08 -25.73
N LEU B 16 -36.73 1.89 -25.22
CA LEU B 16 -36.20 1.74 -23.86
C LEU B 16 -34.70 2.02 -23.77
N LYS B 17 -34.04 2.28 -24.90
CA LYS B 17 -32.61 2.60 -24.97
C LYS B 17 -31.83 1.51 -24.25
N ASN B 18 -30.97 1.84 -23.28
CA ASN B 18 -30.15 0.87 -22.58
C ASN B 18 -30.81 0.28 -21.35
N LEU B 19 -31.99 0.79 -20.95
CA LEU B 19 -32.56 0.41 -19.67
C LEU B 19 -32.74 -1.09 -19.46
N PRO B 20 -33.21 -1.88 -20.43
CA PRO B 20 -33.35 -3.33 -20.19
C PRO B 20 -32.05 -4.02 -19.81
N LEU B 21 -30.89 -3.43 -20.09
CA LEU B 21 -29.62 -4.05 -19.69
C LEU B 21 -29.53 -4.21 -18.17
N LEU B 22 -30.21 -3.35 -17.41
CA LEU B 22 -30.21 -3.47 -15.97
C LEU B 22 -31.20 -4.51 -15.45
N ASN B 23 -32.11 -5.00 -16.30
CA ASN B 23 -33.05 -6.04 -15.90
C ASN B 23 -32.35 -7.40 -15.98
N THR B 24 -31.35 -7.54 -15.12
CA THR B 24 -30.60 -8.77 -14.93
C THR B 24 -30.21 -8.85 -13.47
N ASP B 25 -29.98 -10.07 -12.97
CA ASP B 25 -29.79 -10.21 -11.54
C ASP B 25 -28.37 -9.89 -11.09
N LYS B 26 -27.45 -9.62 -12.03
CA LYS B 26 -26.09 -9.20 -11.70
C LYS B 26 -25.74 -7.95 -12.50
N PRO B 27 -26.35 -6.81 -12.15
CA PRO B 27 -26.17 -5.61 -12.98
C PRO B 27 -24.79 -4.99 -12.89
N VAL B 28 -24.17 -4.97 -11.71
CA VAL B 28 -22.82 -4.42 -11.58
C VAL B 28 -21.85 -5.24 -12.42
N GLN B 29 -21.93 -6.56 -12.32
CA GLN B 29 -21.07 -7.43 -13.10
C GLN B 29 -21.35 -7.31 -14.59
N ALA B 30 -22.61 -7.05 -14.97
CA ALA B 30 -22.92 -6.79 -16.37
C ALA B 30 -22.32 -5.46 -16.82
N LEU B 31 -22.36 -4.44 -15.95
CA LEU B 31 -21.75 -3.16 -16.30
C LEU B 31 -20.24 -3.24 -16.38
N MET B 32 -19.62 -4.11 -15.57
CA MET B 32 -18.19 -4.33 -15.69
C MET B 32 -17.83 -4.95 -17.04
N LYS B 33 -18.64 -5.92 -17.49
CA LYS B 33 -18.39 -6.54 -18.79
C LYS B 33 -18.55 -5.53 -19.91
N ILE B 34 -19.52 -4.62 -19.79
CA ILE B 34 -19.66 -3.55 -20.78
C ILE B 34 -18.45 -2.63 -20.73
N ALA B 35 -17.97 -2.33 -19.52
CA ALA B 35 -16.76 -1.51 -19.38
C ALA B 35 -15.55 -2.18 -20.01
N ASP B 36 -15.45 -3.51 -19.87
CA ASP B 36 -14.37 -4.24 -20.53
C ASP B 36 -14.41 -4.06 -22.04
N GLU B 37 -15.61 -4.03 -22.63
CA GLU B 37 -15.74 -3.90 -24.08
C GLU B 37 -15.54 -2.46 -24.54
N LEU B 38 -16.13 -1.49 -23.84
CA LEU B 38 -16.21 -0.13 -24.33
C LEU B 38 -15.11 0.79 -23.81
N GLY B 39 -14.52 0.47 -22.66
CA GLY B 39 -13.41 1.27 -22.18
C GLY B 39 -13.70 2.10 -20.95
N GLU B 40 -12.96 3.21 -20.81
CA GLU B 40 -12.97 3.99 -19.58
C GLU B 40 -14.26 4.77 -19.37
N ILE B 41 -15.08 4.94 -20.41
CA ILE B 41 -16.31 5.70 -20.28
C ILE B 41 -17.31 5.25 -21.33
N PHE B 42 -18.56 5.04 -20.91
CA PHE B 42 -19.63 4.78 -21.87
C PHE B 42 -20.91 5.44 -21.38
N LYS B 43 -21.69 5.92 -22.34
CA LYS B 43 -22.97 6.55 -22.04
C LYS B 43 -24.03 5.50 -21.80
N PHE B 44 -24.93 5.77 -20.84
CA PHE B 44 -26.05 4.90 -20.54
C PHE B 44 -27.32 5.73 -20.59
N GLU B 45 -28.20 5.41 -21.54
CA GLU B 45 -29.43 6.16 -21.75
C GLU B 45 -30.64 5.33 -21.36
N ALA B 46 -31.65 6.01 -20.81
CA ALA B 46 -32.92 5.38 -20.45
C ALA B 46 -34.03 6.40 -20.69
N PRO B 47 -35.31 6.00 -20.66
CA PRO B 47 -36.38 7.00 -20.70
C PRO B 47 -36.23 8.02 -19.58
N GLY B 48 -35.98 9.28 -19.96
CA GLY B 48 -35.85 10.34 -18.98
C GLY B 48 -34.58 10.31 -18.16
N ARG B 49 -33.57 9.57 -18.58
CA ARG B 49 -32.33 9.45 -17.81
C ARG B 49 -31.15 9.27 -18.75
N VAL B 50 -30.08 10.02 -18.52
CA VAL B 50 -28.80 9.84 -19.19
C VAL B 50 -27.70 9.92 -18.14
N THR B 51 -26.80 8.95 -18.13
CA THR B 51 -25.63 8.99 -17.27
C THR B 51 -24.44 8.40 -18.03
N ARG B 52 -23.27 8.50 -17.41
CA ARG B 52 -22.02 8.05 -18.01
C ARG B 52 -21.22 7.29 -16.96
N TYR B 53 -20.81 6.06 -17.30
CA TYR B 53 -20.11 5.18 -16.36
C TYR B 53 -18.60 5.31 -16.56
N LEU B 54 -17.91 5.73 -15.50
CA LEU B 54 -16.46 5.90 -15.51
C LEU B 54 -15.77 4.67 -14.91
N SER B 55 -14.66 4.26 -15.53
CA SER B 55 -13.93 3.08 -15.09
C SER B 55 -12.43 3.28 -14.92
N SER B 56 -11.87 4.39 -15.37
CA SER B 56 -10.44 4.61 -15.31
C SER B 56 -10.09 5.62 -14.21
N GLN B 57 -8.93 5.40 -13.59
CA GLN B 57 -8.40 6.39 -12.64
C GLN B 57 -8.20 7.74 -13.31
N ARG B 58 -7.87 7.75 -14.61
CA ARG B 58 -7.63 8.99 -15.33
C ARG B 58 -8.84 9.92 -15.27
N LEU B 59 -10.03 9.40 -15.53
CA LEU B 59 -11.24 10.21 -15.51
C LEU B 59 -11.83 10.35 -14.12
N ILE B 60 -11.72 9.31 -13.29
CA ILE B 60 -12.36 9.35 -11.98
C ILE B 60 -11.66 10.36 -11.06
N LYS B 61 -10.35 10.58 -11.24
CA LYS B 61 -9.67 11.57 -10.42
C LYS B 61 -10.19 12.98 -10.70
N GLU B 62 -10.65 13.24 -11.93
CA GLU B 62 -11.28 14.52 -12.23
C GLU B 62 -12.70 14.57 -11.67
N ALA B 63 -13.45 13.48 -11.81
CA ALA B 63 -14.79 13.43 -11.24
C ALA B 63 -14.75 13.62 -9.74
N CYS B 64 -13.65 13.25 -9.09
CA CYS B 64 -13.48 13.43 -7.66
C CYS B 64 -12.99 14.83 -7.29
N ASP B 65 -12.87 15.73 -8.25
CA ASP B 65 -12.54 17.13 -7.97
C ASP B 65 -13.81 17.80 -7.44
N GLU B 66 -13.82 18.08 -6.13
CA GLU B 66 -15.04 18.60 -5.50
C GLU B 66 -15.37 20.02 -5.96
N SER B 67 -14.41 20.75 -6.51
CA SER B 67 -14.71 22.06 -7.06
C SER B 67 -15.51 21.96 -8.36
N ARG B 68 -15.49 20.81 -9.01
CA ARG B 68 -16.18 20.61 -10.28
C ARG B 68 -17.37 19.66 -10.19
N PHE B 69 -17.35 18.71 -9.25
CA PHE B 69 -18.41 17.72 -9.15
C PHE B 69 -18.83 17.54 -7.70
N ASP B 70 -20.13 17.36 -7.50
CA ASP B 70 -20.73 17.12 -6.20
C ASP B 70 -21.46 15.77 -6.23
N LYS B 71 -21.74 15.23 -5.05
CA LYS B 71 -22.46 13.95 -4.98
C LYS B 71 -23.85 14.09 -5.58
N ASN B 72 -24.21 13.14 -6.43
CA ASN B 72 -25.55 13.05 -6.97
C ASN B 72 -26.27 11.86 -6.35
N LEU B 73 -27.58 12.01 -6.13
CA LEU B 73 -28.40 10.88 -5.72
C LEU B 73 -28.70 10.03 -6.93
N SER B 74 -28.13 8.83 -6.97
CA SER B 74 -28.51 7.84 -7.97
C SER B 74 -29.98 7.49 -7.81
N GLN B 75 -30.52 6.79 -8.81
CA GLN B 75 -31.89 6.30 -8.68
C GLN B 75 -32.01 5.31 -7.53
N ALA B 76 -30.97 4.50 -7.29
CA ALA B 76 -30.96 3.63 -6.11
C ALA B 76 -31.07 4.44 -4.83
N LEU B 77 -30.24 5.48 -4.69
CA LEU B 77 -30.28 6.30 -3.47
C LEU B 77 -31.61 7.03 -3.35
N LYS B 78 -32.17 7.48 -4.47
CA LYS B 78 -33.48 8.15 -4.42
C LYS B 78 -34.54 7.20 -3.86
N PHE B 79 -34.50 5.93 -4.26
CA PHE B 79 -35.47 4.96 -3.74
C PHE B 79 -35.20 4.65 -2.27
N VAL B 80 -33.92 4.59 -1.87
CA VAL B 80 -33.59 4.36 -0.47
C VAL B 80 -34.02 5.56 0.38
N ARG B 81 -33.98 6.77 -0.20
CA ARG B 81 -34.41 7.95 0.52
C ARG B 81 -35.85 7.86 1.02
N ASP B 82 -36.67 7.02 0.40
CA ASP B 82 -38.05 6.86 0.85
C ASP B 82 -38.15 6.25 2.24
N PHE B 83 -37.09 5.62 2.74
CA PHE B 83 -37.05 5.20 4.14
C PHE B 83 -35.80 5.63 4.88
N ALA B 84 -34.76 6.10 4.18
CA ALA B 84 -33.60 6.68 4.83
C ALA B 84 -33.71 8.18 5.02
N GLY B 85 -34.74 8.82 4.46
CA GLY B 85 -35.01 10.23 4.61
C GLY B 85 -33.83 11.09 4.21
N ASP B 86 -33.68 12.22 4.92
CA ASP B 86 -32.50 13.06 4.75
C ASP B 86 -31.39 12.67 5.72
N GLY B 87 -31.21 11.37 5.95
CA GLY B 87 -30.00 10.87 6.55
C GLY B 87 -28.78 11.22 5.72
N LEU B 88 -27.60 10.93 6.29
CA LEU B 88 -26.36 11.38 5.67
C LEU B 88 -26.18 10.83 4.27
N ALA B 89 -26.56 9.57 4.04
CA ALA B 89 -26.26 8.91 2.78
C ALA B 89 -27.21 9.31 1.65
N THR B 90 -28.43 9.73 1.97
CA THR B 90 -29.44 10.01 0.95
C THR B 90 -29.86 11.47 0.91
N SER B 91 -29.03 12.38 1.43
CA SER B 91 -29.30 13.80 1.39
CA SER B 91 -29.30 13.80 1.39
C SER B 91 -28.32 14.49 0.44
N TRP B 92 -28.79 15.56 -0.19
CA TRP B 92 -27.92 16.35 -1.05
C TRP B 92 -26.99 17.20 -0.19
N THR B 93 -25.83 17.53 -0.77
CA THR B 93 -24.82 18.29 -0.02
C THR B 93 -25.34 19.66 0.39
N HIS B 94 -26.24 20.24 -0.39
CA HIS B 94 -26.77 21.57 -0.13
C HIS B 94 -27.96 21.57 0.82
N GLU B 95 -28.42 20.40 1.25
CA GLU B 95 -29.50 20.32 2.22
C GLU B 95 -28.96 20.63 3.62
N LYS B 96 -29.70 21.47 4.36
CA LYS B 96 -29.24 21.92 5.66
C LYS B 96 -28.91 20.75 6.59
N ASN B 97 -29.70 19.69 6.53
CA ASN B 97 -29.50 18.57 7.45
C ASN B 97 -28.26 17.73 7.11
N TRP B 98 -27.69 17.86 5.92
CA TRP B 98 -26.47 17.10 5.65
C TRP B 98 -25.30 17.64 6.47
N LYS B 99 -24.95 18.92 6.26
CA LYS B 99 -23.80 19.50 6.96
C LYS B 99 -24.03 19.52 8.46
N LYS B 100 -25.29 19.65 8.88
CA LYS B 100 -25.62 19.62 10.30
C LYS B 100 -25.27 18.26 10.90
N ALA B 101 -25.84 17.19 10.34
CA ALA B 101 -25.54 15.84 10.83
C ALA B 101 -24.09 15.48 10.59
N HIS B 102 -23.50 15.96 9.49
CA HIS B 102 -22.09 15.71 9.22
C HIS B 102 -21.20 16.26 10.34
N ASN B 103 -21.41 17.54 10.69
CA ASN B 103 -20.60 18.15 11.75
C ASN B 103 -20.82 17.45 13.09
N ILE B 104 -22.06 17.07 13.39
CA ILE B 104 -22.36 16.47 14.69
C ILE B 104 -21.76 15.07 14.78
N LEU B 105 -21.83 14.30 13.69
CA LEU B 105 -21.51 12.88 13.74
C LEU B 105 -20.06 12.55 13.44
N LEU B 106 -19.33 13.44 12.75
CA LEU B 106 -17.93 13.17 12.42
C LEU B 106 -17.07 12.82 13.63
N PRO B 107 -17.13 13.54 14.76
CA PRO B 107 -16.28 13.15 15.90
C PRO B 107 -16.60 11.78 16.46
N SER B 108 -17.86 11.33 16.35
CA SER B 108 -18.25 10.04 16.88
C SER B 108 -17.97 8.88 15.92
N PHE B 109 -17.41 9.16 14.73
CA PHE B 109 -16.98 8.12 13.81
C PHE B 109 -15.48 8.11 13.59
N SER B 110 -14.72 8.91 14.34
CA SER B 110 -13.28 8.97 14.15
C SER B 110 -12.61 7.70 14.68
N GLN B 111 -11.35 7.52 14.30
CA GLN B 111 -10.57 6.41 14.85
C GLN B 111 -10.49 6.48 16.37
N GLN B 112 -10.41 7.70 16.91
CA GLN B 112 -10.41 7.86 18.37
C GLN B 112 -11.74 7.42 18.98
N ALA B 113 -12.84 7.57 18.24
CA ALA B 113 -14.14 7.17 18.76
C ALA B 113 -14.31 5.66 18.79
N MET B 114 -13.53 4.92 18.00
CA MET B 114 -13.63 3.46 18.00
C MET B 114 -13.25 2.86 19.34
N LYS B 115 -12.46 3.58 20.14
CA LYS B 115 -12.14 3.10 21.49
C LYS B 115 -13.41 2.90 22.32
N GLY B 116 -14.42 3.75 22.12
CA GLY B 116 -15.65 3.62 22.87
C GLY B 116 -16.58 2.53 22.38
N TYR B 117 -16.51 2.22 21.08
CA TYR B 117 -17.33 1.16 20.49
C TYR B 117 -16.71 -0.22 20.61
N HIS B 118 -15.43 -0.31 20.99
CA HIS B 118 -14.71 -1.57 20.94
C HIS B 118 -15.37 -2.65 21.79
N ALA B 119 -15.76 -2.30 23.02
CA ALA B 119 -16.34 -3.28 23.92
C ALA B 119 -17.61 -3.89 23.35
N MET B 120 -18.45 -3.06 22.73
CA MET B 120 -19.68 -3.58 22.13
C MET B 120 -19.39 -4.43 20.90
N MET B 121 -18.40 -4.04 20.10
CA MET B 121 -18.01 -4.86 18.96
C MET B 121 -17.52 -6.23 19.42
N VAL B 122 -16.75 -6.27 20.51
CA VAL B 122 -16.24 -7.53 21.02
C VAL B 122 -17.38 -8.42 21.50
N ASP B 123 -18.40 -7.82 22.12
CA ASP B 123 -19.57 -8.59 22.58
C ASP B 123 -20.15 -9.44 21.46
N ILE B 124 -20.40 -8.84 20.31
CA ILE B 124 -20.99 -9.59 19.20
C ILE B 124 -19.96 -10.53 18.58
N ALA B 125 -18.71 -10.09 18.50
CA ALA B 125 -17.66 -10.94 17.93
C ALA B 125 -17.47 -12.22 18.74
N VAL B 126 -17.57 -12.11 20.07
CA VAL B 126 -17.48 -13.31 20.91
C VAL B 126 -18.65 -14.24 20.64
N GLN B 127 -19.84 -13.68 20.43
CA GLN B 127 -21.01 -14.51 20.10
C GLN B 127 -20.79 -15.29 18.81
N LEU B 128 -20.17 -14.66 17.80
CA LEU B 128 -19.88 -15.36 16.57
C LEU B 128 -18.87 -16.48 16.79
N VAL B 129 -17.79 -16.18 17.52
CA VAL B 129 -16.78 -17.21 17.81
C VAL B 129 -17.42 -18.35 18.59
N GLN B 130 -18.26 -18.04 19.56
CA GLN B 130 -18.89 -19.08 20.37
C GLN B 130 -19.84 -19.93 19.55
N LYS B 131 -20.56 -19.32 18.59
CA LYS B 131 -21.42 -20.11 17.72
C LYS B 131 -20.62 -21.16 16.95
N TRP B 132 -19.48 -20.75 16.39
CA TRP B 132 -18.68 -21.66 15.59
C TRP B 132 -17.97 -22.70 16.47
N GLU B 133 -17.58 -22.30 17.69
CA GLU B 133 -17.00 -23.28 18.63
C GLU B 133 -17.98 -24.39 18.96
N ARG B 134 -19.29 -24.10 18.93
CA ARG B 134 -20.31 -25.03 19.35
C ARG B 134 -20.90 -25.83 18.20
N LEU B 135 -20.40 -25.65 16.98
CA LEU B 135 -20.86 -26.49 15.87
C LEU B 135 -20.36 -27.91 16.04
N ASN B 136 -21.18 -28.86 15.59
CA ASN B 136 -20.79 -30.27 15.62
C ASN B 136 -19.87 -30.59 14.46
N ALA B 137 -19.24 -31.77 14.52
CA ALA B 137 -18.33 -32.19 13.47
C ALA B 137 -19.05 -32.30 12.14
N ASP B 138 -18.36 -31.86 11.08
CA ASP B 138 -18.84 -31.94 9.70
C ASP B 138 -20.10 -31.10 9.46
N GLU B 139 -20.57 -30.39 10.48
CA GLU B 139 -21.43 -29.25 10.21
C GLU B 139 -20.59 -28.15 9.58
N HIS B 140 -21.27 -27.19 8.95
CA HIS B 140 -20.56 -26.14 8.23
C HIS B 140 -21.13 -24.77 8.57
N ILE B 141 -20.45 -23.75 8.06
CA ILE B 141 -20.77 -22.36 8.34
C ILE B 141 -21.34 -21.75 7.06
N GLU B 142 -22.46 -21.05 7.19
CA GLU B 142 -22.98 -20.23 6.10
C GLU B 142 -22.41 -18.83 6.32
N VAL B 143 -21.41 -18.47 5.53
CA VAL B 143 -20.54 -17.35 5.86
C VAL B 143 -21.28 -16.01 5.77
N PRO B 144 -21.84 -15.62 4.61
CA PRO B 144 -22.53 -14.31 4.57
C PRO B 144 -23.69 -14.21 5.55
N GLU B 145 -24.39 -15.32 5.79
CA GLU B 145 -25.48 -15.33 6.76
C GLU B 145 -24.98 -14.96 8.15
N ASP B 146 -23.87 -15.58 8.58
CA ASP B 146 -23.35 -15.30 9.91
C ASP B 146 -22.69 -13.93 9.98
N MET B 147 -21.99 -13.53 8.92
CA MET B 147 -21.40 -12.20 8.90
C MET B 147 -22.47 -11.12 8.97
N THR B 148 -23.62 -11.35 8.33
CA THR B 148 -24.72 -10.40 8.40
C THR B 148 -25.33 -10.36 9.79
N ARG B 149 -25.47 -11.52 10.42
CA ARG B 149 -25.89 -11.57 11.83
C ARG B 149 -24.97 -10.73 12.70
N LEU B 150 -23.66 -10.79 12.45
CA LEU B 150 -22.71 -10.06 13.28
C LEU B 150 -22.77 -8.56 13.03
N THR B 151 -22.75 -8.15 11.76
CA THR B 151 -22.71 -6.72 11.47
C THR B 151 -24.02 -6.03 11.86
N LEU B 152 -25.16 -6.70 11.66
CA LEU B 152 -26.43 -6.13 12.08
C LEU B 152 -26.49 -5.92 13.59
N ASP B 153 -26.09 -6.95 14.35
CA ASP B 153 -26.12 -6.82 15.81
C ASP B 153 -25.10 -5.81 16.31
N THR B 154 -23.95 -5.70 15.63
CA THR B 154 -22.93 -4.75 16.07
C THR B 154 -23.39 -3.31 15.85
N ILE B 155 -23.98 -3.02 14.69
CA ILE B 155 -24.46 -1.66 14.45
C ILE B 155 -25.69 -1.38 15.31
N GLY B 156 -26.50 -2.40 15.59
CA GLY B 156 -27.62 -2.20 16.50
C GLY B 156 -27.16 -1.84 17.90
N LEU B 157 -26.13 -2.54 18.39
CA LEU B 157 -25.63 -2.28 19.74
C LEU B 157 -24.87 -0.96 19.80
N CYS B 158 -23.98 -0.73 18.84
CA CYS B 158 -23.22 0.51 18.84
C CYS B 158 -24.06 1.71 18.40
N GLY B 159 -25.10 1.47 17.61
CA GLY B 159 -25.92 2.55 17.10
C GLY B 159 -26.89 3.11 18.12
N PHE B 160 -27.64 2.24 18.80
CA PHE B 160 -28.63 2.72 19.76
C PHE B 160 -28.89 1.69 20.87
N ASN B 161 -27.87 0.92 21.24
CA ASN B 161 -27.89 0.05 22.41
C ASN B 161 -29.08 -0.92 22.38
N TYR B 162 -29.39 -1.41 21.18
CA TYR B 162 -30.50 -2.36 20.98
C TYR B 162 -29.91 -3.67 20.48
N ARG B 163 -30.37 -4.77 21.08
CA ARG B 163 -29.88 -6.11 20.74
C ARG B 163 -30.90 -6.80 19.86
N PHE B 164 -30.57 -6.93 18.57
CA PHE B 164 -31.40 -7.73 17.68
C PHE B 164 -31.32 -9.22 17.99
N ASN B 165 -30.26 -9.64 18.69
CA ASN B 165 -30.07 -11.04 19.10
C ASN B 165 -30.20 -11.99 17.90
N SER B 166 -29.49 -11.64 16.83
CA SER B 166 -29.60 -12.40 15.58
C SER B 166 -29.05 -13.82 15.73
N PHE B 167 -28.13 -14.04 16.66
CA PHE B 167 -27.57 -15.36 16.87
C PHE B 167 -28.48 -16.27 17.70
N TYR B 168 -29.62 -15.75 18.18
CA TYR B 168 -30.62 -16.55 18.85
C TYR B 168 -31.81 -16.86 17.95
N ARG B 169 -31.68 -16.64 16.64
CA ARG B 169 -32.82 -16.64 15.74
C ARG B 169 -32.49 -17.35 14.45
N ASP B 170 -33.51 -17.99 13.87
CA ASP B 170 -33.48 -18.38 12.46
C ASP B 170 -34.07 -17.27 11.60
N GLN B 171 -35.30 -16.86 11.91
CA GLN B 171 -35.93 -15.73 11.25
C GLN B 171 -35.50 -14.43 11.94
N PRO B 172 -34.98 -13.45 11.20
CA PRO B 172 -34.44 -12.25 11.83
C PRO B 172 -35.50 -11.44 12.57
N HIS B 173 -35.03 -10.49 13.36
CA HIS B 173 -35.91 -9.56 14.06
C HIS B 173 -36.84 -8.90 13.05
N PRO B 174 -38.11 -8.68 13.41
CA PRO B 174 -39.06 -8.08 12.45
C PRO B 174 -38.58 -6.80 11.80
N PHE B 175 -37.81 -5.98 12.52
CA PHE B 175 -37.25 -4.77 11.90
C PHE B 175 -36.31 -5.14 10.77
N ILE B 176 -35.48 -6.17 10.96
CA ILE B 176 -34.53 -6.57 9.93
C ILE B 176 -35.27 -7.11 8.72
N THR B 177 -36.33 -7.90 8.94
CA THR B 177 -37.14 -8.41 7.84
C THR B 177 -37.72 -7.27 7.00
N SER B 178 -38.23 -6.23 7.66
CA SER B 178 -38.79 -5.11 6.93
C SER B 178 -37.72 -4.30 6.22
N MET B 179 -36.56 -4.09 6.86
CA MET B 179 -35.48 -3.33 6.24
C MET B 179 -34.97 -4.05 4.99
N VAL B 180 -34.71 -5.35 5.09
CA VAL B 180 -34.22 -6.10 3.94
C VAL B 180 -35.24 -6.09 2.82
N ARG B 181 -36.53 -6.28 3.15
CA ARG B 181 -37.56 -6.26 2.13
C ARG B 181 -37.72 -4.86 1.54
N ALA B 182 -37.46 -3.81 2.32
CA ALA B 182 -37.49 -2.46 1.77
C ALA B 182 -36.34 -2.25 0.81
N LEU B 183 -35.15 -2.73 1.17
CA LEU B 183 -34.00 -2.62 0.27
C LEU B 183 -34.22 -3.46 -0.99
N ASP B 184 -34.85 -4.63 -0.86
CA ASP B 184 -35.14 -5.45 -2.03
C ASP B 184 -36.13 -4.77 -2.96
N GLU B 185 -37.15 -4.12 -2.39
CA GLU B 185 -38.11 -3.37 -3.21
C GLU B 185 -37.43 -2.20 -3.92
N ALA B 186 -36.48 -1.55 -3.24
CA ALA B 186 -35.75 -0.45 -3.86
C ALA B 186 -34.98 -0.91 -5.09
N MET B 187 -34.28 -2.06 -4.98
CA MET B 187 -33.53 -2.55 -6.13
C MET B 187 -34.45 -3.07 -7.22
N ASN B 188 -35.52 -3.78 -6.84
CA ASN B 188 -36.44 -4.31 -7.84
C ASN B 188 -37.10 -3.20 -8.64
N LYS B 189 -37.37 -2.06 -8.00
CA LYS B 189 -37.90 -0.90 -8.72
C LYS B 189 -36.97 -0.47 -9.84
N LEU B 190 -35.65 -0.58 -9.63
CA LEU B 190 -34.70 -0.19 -10.65
C LEU B 190 -34.87 -1.00 -11.94
N GLN B 191 -35.37 -2.22 -11.83
CA GLN B 191 -35.42 -3.15 -12.95
C GLN B 191 -36.82 -3.32 -13.54
N ARG B 192 -37.75 -2.43 -13.19
CA ARG B 192 -39.12 -2.51 -13.68
C ARG B 192 -39.29 -1.59 -14.88
N ALA B 193 -39.66 -2.16 -16.03
CA ALA B 193 -39.86 -1.37 -17.23
C ALA B 193 -41.18 -0.62 -17.23
N ASN B 194 -42.20 -1.19 -16.58
CA ASN B 194 -43.51 -0.56 -16.41
C ASN B 194 -43.78 -0.47 -14.91
N PRO B 195 -43.15 0.47 -14.21
CA PRO B 195 -43.25 0.48 -12.74
C PRO B 195 -44.65 0.83 -12.23
N ASP B 196 -45.44 1.58 -12.99
CA ASP B 196 -46.79 1.96 -12.57
C ASP B 196 -47.83 0.87 -12.85
N ASP B 197 -47.39 -0.32 -13.24
CA ASP B 197 -48.31 -1.38 -13.58
C ASP B 197 -49.13 -1.79 -12.36
N PRO B 198 -50.37 -2.24 -12.55
CA PRO B 198 -51.21 -2.65 -11.41
C PRO B 198 -50.66 -3.84 -10.64
N ALA B 199 -49.80 -4.65 -11.25
CA ALA B 199 -49.31 -5.85 -10.59
C ALA B 199 -48.48 -5.49 -9.36
N TYR B 200 -47.72 -4.38 -9.43
CA TYR B 200 -46.87 -3.97 -8.32
C TYR B 200 -47.63 -3.17 -7.27
N ASP B 201 -48.95 -3.36 -7.15
CA ASP B 201 -49.71 -2.66 -6.14
C ASP B 201 -49.52 -3.30 -4.78
N GLU B 202 -49.35 -4.63 -4.76
CA GLU B 202 -49.03 -5.32 -3.51
C GLU B 202 -47.62 -4.99 -3.06
N ASN B 203 -46.69 -4.84 -4.01
CA ASN B 203 -45.33 -4.42 -3.65
C ASN B 203 -45.34 -3.05 -3.00
N LYS B 204 -46.15 -2.16 -3.52
CA LYS B 204 -46.20 -0.79 -3.00
C LYS B 204 -46.78 -0.79 -1.59
N ARG B 205 -47.87 -1.51 -1.36
CA ARG B 205 -48.47 -1.57 -0.03
C ARG B 205 -47.51 -2.19 0.98
N GLN B 206 -46.88 -3.32 0.62
CA GLN B 206 -45.90 -3.94 1.50
C GLN B 206 -44.75 -2.98 1.79
N PHE B 207 -44.32 -2.21 0.78
CA PHE B 207 -43.24 -1.24 0.98
C PHE B 207 -43.60 -0.23 2.05
N GLN B 208 -44.83 0.28 2.03
CA GLN B 208 -45.25 1.25 3.04
C GLN B 208 -45.39 0.60 4.41
N GLU B 209 -45.80 -0.67 4.45
CA GLU B 209 -45.89 -1.39 5.72
C GLU B 209 -44.51 -1.55 6.34
N ASP B 210 -43.50 -1.85 5.52
CA ASP B 210 -42.15 -2.03 6.05
C ASP B 210 -41.56 -0.69 6.49
N ILE B 211 -41.88 0.40 5.79
CA ILE B 211 -41.46 1.72 6.24
C ILE B 211 -42.02 2.00 7.63
N LYS B 212 -43.29 1.65 7.86
CA LYS B 212 -43.91 1.89 9.15
C LYS B 212 -43.26 1.07 10.25
N VAL B 213 -42.91 -0.19 9.95
CA VAL B 213 -42.24 -1.03 10.94
C VAL B 213 -40.94 -0.40 11.39
N MET B 214 -40.14 0.09 10.43
CA MET B 214 -38.84 0.67 10.76
C MET B 214 -38.99 1.93 11.59
N ASN B 215 -39.88 2.83 11.16
CA ASN B 215 -40.08 4.09 11.89
C ASN B 215 -40.58 3.82 13.31
N ASP B 216 -41.54 2.90 13.46
CA ASP B 216 -42.14 2.67 14.77
C ASP B 216 -41.11 2.22 15.78
N LEU B 217 -40.28 1.23 15.42
CA LEU B 217 -39.30 0.72 16.38
C LEU B 217 -38.25 1.78 16.71
N VAL B 218 -37.71 2.46 15.70
CA VAL B 218 -36.68 3.45 15.95
C VAL B 218 -37.24 4.63 16.74
N ASP B 219 -38.42 5.12 16.35
CA ASP B 219 -39.04 6.22 17.08
C ASP B 219 -39.32 5.81 18.53
N LYS B 220 -39.72 4.56 18.75
CA LYS B 220 -39.99 4.09 20.10
C LYS B 220 -38.71 4.11 20.94
N ILE B 221 -37.60 3.64 20.38
CA ILE B 221 -36.34 3.60 21.11
C ILE B 221 -35.84 5.00 21.41
N ILE B 222 -36.01 5.93 20.47
CA ILE B 222 -35.63 7.31 20.72
C ILE B 222 -36.46 7.89 21.87
N ALA B 223 -37.78 7.71 21.80
CA ALA B 223 -38.65 8.15 22.88
C ALA B 223 -38.33 7.45 24.19
N ASP B 224 -38.09 6.14 24.14
CA ASP B 224 -37.71 5.40 25.34
C ASP B 224 -36.44 5.96 25.96
N ARG B 225 -35.44 6.28 25.13
CA ARG B 225 -34.18 6.80 25.66
C ARG B 225 -34.35 8.21 26.21
N LYS B 226 -35.15 9.04 25.54
CA LYS B 226 -35.35 10.41 26.02
C LYS B 226 -36.11 10.41 27.33
N ALA B 227 -37.06 9.49 27.49
CA ALA B 227 -37.85 9.46 28.72
C ALA B 227 -37.04 8.99 29.93
N SER B 228 -36.03 8.14 29.70
CA SER B 228 -35.22 7.59 30.80
C SER B 228 -34.01 8.45 31.14
N GLY B 229 -33.49 9.19 30.17
CA GLY B 229 -32.27 9.93 30.42
C GLY B 229 -31.03 9.07 30.52
N GLU B 230 -31.11 7.80 30.14
CA GLU B 230 -29.95 6.92 30.23
C GLU B 230 -28.87 7.34 29.24
N GLN B 231 -27.61 7.17 29.66
CA GLN B 231 -26.46 7.47 28.82
C GLN B 231 -25.69 6.18 28.55
N SER B 232 -25.55 5.85 27.28
CA SER B 232 -24.76 4.71 26.84
C SER B 232 -23.61 5.21 25.97
N ASP B 233 -22.77 4.28 25.52
CA ASP B 233 -21.67 4.59 24.61
C ASP B 233 -22.07 4.43 23.16
N ASP B 234 -23.31 4.75 22.82
CA ASP B 234 -23.85 4.53 21.48
C ASP B 234 -24.01 5.86 20.74
N LEU B 235 -24.24 5.75 19.43
CA LEU B 235 -24.43 6.92 18.60
C LEU B 235 -25.71 7.68 18.97
N LEU B 236 -26.72 6.97 19.49
CA LEU B 236 -27.96 7.64 19.85
C LEU B 236 -27.77 8.64 20.97
N THR B 237 -26.95 8.28 21.97
CA THR B 237 -26.63 9.24 23.03
C THR B 237 -25.89 10.45 22.47
N HIS B 238 -24.94 10.22 21.57
CA HIS B 238 -24.20 11.32 20.96
C HIS B 238 -25.13 12.25 20.17
N MET B 239 -26.12 11.68 19.49
CA MET B 239 -27.04 12.50 18.70
C MET B 239 -28.05 13.23 19.58
N LEU B 240 -28.43 12.64 20.71
CA LEU B 240 -29.35 13.32 21.62
C LEU B 240 -28.69 14.47 22.36
N ASN B 241 -27.36 14.45 22.49
CA ASN B 241 -26.64 15.48 23.21
C ASN B 241 -25.82 16.41 22.32
N GLY B 242 -25.59 16.05 21.06
CA GLY B 242 -24.71 16.84 20.22
C GLY B 242 -25.39 18.07 19.63
N LYS B 243 -24.60 19.11 19.41
CA LYS B 243 -25.05 20.33 18.75
C LYS B 243 -24.07 20.66 17.63
N ASP B 244 -24.61 20.99 16.45
CA ASP B 244 -23.81 21.44 15.33
C ASP B 244 -23.09 22.74 15.70
N PRO B 245 -21.76 22.79 15.65
CA PRO B 245 -21.07 24.06 15.96
C PRO B 245 -21.46 25.20 15.02
N GLU B 246 -21.75 24.90 13.76
CA GLU B 246 -22.08 25.93 12.79
C GLU B 246 -23.41 26.61 13.11
N THR B 247 -24.51 25.86 13.05
CA THR B 247 -25.83 26.44 13.30
C THR B 247 -26.19 26.50 14.77
N GLY B 248 -25.46 25.81 15.64
CA GLY B 248 -25.81 25.75 17.04
C GLY B 248 -26.96 24.82 17.36
N GLU B 249 -27.50 24.09 16.37
CA GLU B 249 -28.68 23.28 16.52
C GLU B 249 -28.34 21.81 16.75
N PRO B 250 -29.16 21.12 17.51
CA PRO B 250 -29.09 19.66 17.56
C PRO B 250 -29.97 19.04 16.48
N LEU B 251 -29.69 17.77 16.19
CA LEU B 251 -30.58 17.02 15.29
C LEU B 251 -31.93 16.82 15.95
N ASP B 252 -33.00 16.98 15.18
CA ASP B 252 -34.33 16.71 15.69
C ASP B 252 -34.58 15.20 15.68
N ASP B 253 -35.67 14.80 16.35
CA ASP B 253 -35.92 13.38 16.57
C ASP B 253 -36.16 12.64 15.26
N GLU B 254 -36.80 13.29 14.29
CA GLU B 254 -37.04 12.63 13.00
C GLU B 254 -35.73 12.34 12.27
N ASN B 255 -34.80 13.30 12.26
CA ASN B 255 -33.54 13.09 11.57
C ASN B 255 -32.69 12.04 12.27
N ILE B 256 -32.71 12.04 13.62
CA ILE B 256 -32.00 10.99 14.36
C ILE B 256 -32.50 9.62 13.96
N ARG B 257 -33.81 9.48 13.78
CA ARG B 257 -34.36 8.21 13.30
C ARG B 257 -33.77 7.85 11.93
N TYR B 258 -33.75 8.81 11.02
CA TYR B 258 -33.22 8.54 9.68
C TYR B 258 -31.74 8.21 9.73
N GLN B 259 -30.99 8.84 10.63
CA GLN B 259 -29.57 8.50 10.76
C GLN B 259 -29.38 7.07 11.26
N ILE B 260 -30.24 6.64 12.20
CA ILE B 260 -30.12 5.29 12.74
C ILE B 260 -30.45 4.25 11.67
N ILE B 261 -31.58 4.45 10.96
CA ILE B 261 -31.90 3.60 9.83
C ILE B 261 -30.77 3.61 8.81
N THR B 262 -30.14 4.77 8.61
CA THR B 262 -29.06 4.88 7.63
C THR B 262 -27.85 4.05 8.04
N PHE B 263 -27.45 4.12 9.31
CA PHE B 263 -26.33 3.32 9.77
C PHE B 263 -26.57 1.84 9.52
N LEU B 264 -27.80 1.37 9.79
CA LEU B 264 -28.15 -0.02 9.55
C LEU B 264 -28.08 -0.37 8.07
N ILE B 265 -28.65 0.48 7.21
CA ILE B 265 -28.64 0.22 5.78
C ILE B 265 -27.22 0.28 5.23
N ALA B 266 -26.58 1.44 5.38
CA ALA B 266 -25.29 1.69 4.76
C ALA B 266 -24.19 0.79 5.32
N GLY B 267 -24.38 0.24 6.50
CA GLY B 267 -23.30 -0.45 7.19
C GLY B 267 -23.36 -1.96 7.26
N HIS B 268 -24.55 -2.55 7.35
CA HIS B 268 -24.65 -3.95 7.77
C HIS B 268 -24.12 -4.89 6.69
N GLU B 269 -24.61 -4.79 5.46
CA GLU B 269 -24.22 -5.77 4.44
C GLU B 269 -23.02 -5.34 3.62
N THR B 270 -22.71 -4.04 3.57
CA THR B 270 -21.42 -3.63 3.05
C THR B 270 -20.29 -4.25 3.87
N THR B 271 -20.42 -4.21 5.20
CA THR B 271 -19.39 -4.75 6.06
C THR B 271 -19.42 -6.28 6.08
N SER B 272 -20.61 -6.88 6.07
CA SER B 272 -20.68 -8.33 6.07
C SER B 272 -20.20 -8.91 4.75
N GLY B 273 -20.44 -8.21 3.63
CA GLY B 273 -19.88 -8.66 2.37
C GLY B 273 -18.36 -8.60 2.36
N LEU B 274 -17.79 -7.56 2.95
CA LEU B 274 -16.34 -7.46 3.03
C LEU B 274 -15.74 -8.63 3.81
N LEU B 275 -16.31 -8.93 4.98
CA LEU B 275 -15.84 -10.08 5.76
C LEU B 275 -16.01 -11.37 4.97
N SER B 276 -17.14 -11.52 4.27
CA SER B 276 -17.40 -12.72 3.50
C SER B 276 -16.42 -12.86 2.34
N PHE B 277 -16.20 -11.77 1.59
CA PHE B 277 -15.23 -11.80 0.50
C PHE B 277 -13.82 -12.04 1.04
N ALA B 278 -13.49 -11.45 2.19
CA ALA B 278 -12.17 -11.63 2.77
C ALA B 278 -11.92 -13.11 3.10
N LEU B 279 -12.88 -13.75 3.76
CA LEU B 279 -12.71 -15.16 4.10
C LEU B 279 -12.68 -16.03 2.86
N TYR B 280 -13.50 -15.71 1.85
CA TYR B 280 -13.44 -16.43 0.59
C TYR B 280 -12.04 -16.34 -0.02
N PHE B 281 -11.48 -15.13 -0.10
CA PHE B 281 -10.15 -14.98 -0.69
C PHE B 281 -9.08 -15.66 0.15
N LEU B 282 -9.26 -15.70 1.48
CA LEU B 282 -8.27 -16.36 2.34
C LEU B 282 -8.25 -17.87 2.10
N VAL B 283 -9.43 -18.50 2.04
CA VAL B 283 -9.45 -19.96 1.85
C VAL B 283 -9.05 -20.34 0.43
N LYS B 284 -9.14 -19.42 -0.53
CA LYS B 284 -8.66 -19.70 -1.88
C LYS B 284 -7.17 -19.40 -2.06
N ASN B 285 -6.53 -18.76 -1.09
CA ASN B 285 -5.12 -18.39 -1.17
C ASN B 285 -4.44 -18.80 0.13
N PRO B 286 -4.11 -20.09 0.29
CA PRO B 286 -3.62 -20.58 1.59
C PRO B 286 -2.38 -19.89 2.10
N HIS B 287 -1.50 -19.41 1.21
CA HIS B 287 -0.31 -18.69 1.68
C HIS B 287 -0.70 -17.40 2.39
N VAL B 288 -1.69 -16.68 1.84
CA VAL B 288 -2.17 -15.46 2.48
C VAL B 288 -2.83 -15.79 3.81
N LEU B 289 -3.58 -16.87 3.88
CA LEU B 289 -4.25 -17.25 5.13
C LEU B 289 -3.21 -17.54 6.22
N GLN B 290 -2.18 -18.32 5.89
CA GLN B 290 -1.14 -18.60 6.87
C GLN B 290 -0.49 -17.33 7.38
N LYS B 291 -0.18 -16.40 6.47
CA LYS B 291 0.46 -15.15 6.86
C LYS B 291 -0.48 -14.33 7.76
N ALA B 292 -1.77 -14.28 7.42
CA ALA B 292 -2.72 -13.55 8.25
C ALA B 292 -2.99 -14.27 9.57
N ALA B 293 -3.03 -15.61 9.54
CA ALA B 293 -3.26 -16.35 10.78
C ALA B 293 -2.08 -16.22 11.73
N GLU B 294 -0.86 -16.16 11.19
CA GLU B 294 0.31 -15.96 12.04
C GLU B 294 0.22 -14.65 12.80
N GLU B 295 -0.11 -13.57 12.10
CA GLU B 295 -0.22 -12.26 12.74
C GLU B 295 -1.31 -12.26 13.80
N ALA B 296 -2.45 -12.88 13.51
CA ALA B 296 -3.54 -12.94 14.48
C ALA B 296 -3.11 -13.66 15.76
N ALA B 297 -2.35 -14.74 15.62
CA ALA B 297 -1.91 -15.49 16.79
C ALA B 297 -0.86 -14.71 17.57
N ARG B 298 0.05 -14.02 16.88
CA ARG B 298 1.11 -13.28 17.55
C ARG B 298 0.57 -12.01 18.23
N VAL B 299 -0.40 -11.36 17.60
CA VAL B 299 -0.86 -10.06 18.10
C VAL B 299 -1.93 -10.22 19.18
N LEU B 300 -2.89 -11.11 18.97
CA LEU B 300 -4.04 -11.25 19.87
C LEU B 300 -3.69 -12.23 21.00
N VAL B 301 -2.87 -11.75 21.93
CA VAL B 301 -2.33 -12.59 23.00
C VAL B 301 -3.25 -12.71 24.21
N ASP B 302 -4.35 -11.97 24.23
CA ASP B 302 -5.28 -12.01 25.35
C ASP B 302 -6.56 -12.72 24.96
N PRO B 303 -7.31 -13.26 25.94
CA PRO B 303 -8.58 -13.92 25.60
C PRO B 303 -9.56 -13.00 24.90
N VAL B 304 -9.50 -11.70 25.17
CA VAL B 304 -10.33 -10.70 24.54
C VAL B 304 -9.43 -9.68 23.87
N PRO B 305 -9.58 -9.41 22.58
CA PRO B 305 -8.71 -8.42 21.93
C PRO B 305 -8.96 -7.02 22.47
N SER B 306 -7.89 -6.26 22.58
CA SER B 306 -7.97 -4.86 22.96
C SER B 306 -8.02 -3.98 21.71
N TYR B 307 -8.39 -2.72 21.91
CA TYR B 307 -8.38 -1.76 20.80
C TYR B 307 -6.98 -1.65 20.21
N LYS B 308 -5.96 -1.54 21.07
CA LYS B 308 -4.60 -1.39 20.58
C LYS B 308 -4.13 -2.61 19.81
N GLN B 309 -4.57 -3.80 20.22
CA GLN B 309 -4.18 -5.02 19.51
C GLN B 309 -4.77 -5.06 18.11
N VAL B 310 -6.00 -4.59 17.95
CA VAL B 310 -6.64 -4.59 16.62
C VAL B 310 -5.89 -3.67 15.68
N LYS B 311 -5.40 -2.54 16.17
CA LYS B 311 -4.60 -1.64 15.34
C LYS B 311 -3.30 -2.28 14.88
N GLN B 312 -2.80 -3.28 15.61
CA GLN B 312 -1.57 -3.95 15.26
C GLN B 312 -1.75 -5.01 14.19
N LEU B 313 -3.00 -5.32 13.81
CA LEU B 313 -3.28 -6.35 12.81
C LEU B 313 -3.13 -5.75 11.41
N LYS B 314 -1.87 -5.42 11.09
CA LYS B 314 -1.58 -4.72 9.84
C LYS B 314 -1.90 -5.59 8.62
N TYR B 315 -1.43 -6.85 8.62
CA TYR B 315 -1.64 -7.70 7.46
C TYR B 315 -3.12 -8.06 7.29
N VAL B 316 -3.84 -8.23 8.40
CA VAL B 316 -5.29 -8.41 8.31
C VAL B 316 -5.92 -7.19 7.64
N GLY B 317 -5.44 -5.99 7.98
CA GLY B 317 -5.91 -4.80 7.30
C GLY B 317 -5.58 -4.82 5.82
N MET B 318 -4.40 -5.33 5.47
CA MET B 318 -4.04 -5.46 4.06
C MET B 318 -4.95 -6.44 3.34
N VAL B 319 -5.30 -7.55 4.01
CA VAL B 319 -6.22 -8.52 3.42
C VAL B 319 -7.57 -7.86 3.14
N LEU B 320 -8.08 -7.08 4.10
CA LEU B 320 -9.37 -6.42 3.91
C LEU B 320 -9.34 -5.41 2.78
N ASN B 321 -8.25 -4.64 2.68
CA ASN B 321 -8.15 -3.66 1.59
C ASN B 321 -8.11 -4.33 0.22
N GLU B 322 -7.37 -5.43 0.11
CA GLU B 322 -7.32 -6.14 -1.16
C GLU B 322 -8.67 -6.78 -1.49
N ALA B 323 -9.40 -7.23 -0.47
CA ALA B 323 -10.76 -7.70 -0.71
C ALA B 323 -11.68 -6.56 -1.16
N LEU B 324 -11.51 -5.37 -0.57
CA LEU B 324 -12.26 -4.21 -1.02
C LEU B 324 -11.86 -3.77 -2.41
N ARG B 325 -10.60 -3.99 -2.80
CA ARG B 325 -10.18 -3.65 -4.16
C ARG B 325 -10.93 -4.49 -5.18
N LEU B 326 -10.91 -5.81 -5.01
CA LEU B 326 -11.49 -6.69 -6.02
C LEU B 326 -13.02 -6.60 -6.03
N TRP B 327 -13.65 -6.56 -4.86
CA TRP B 327 -15.11 -6.54 -4.77
C TRP B 327 -15.55 -5.52 -3.73
N PRO B 328 -15.50 -4.23 -4.07
CA PRO B 328 -16.06 -3.21 -3.18
C PRO B 328 -17.55 -3.41 -3.02
N THR B 329 -17.99 -3.51 -1.77
CA THR B 329 -19.36 -3.93 -1.49
C THR B 329 -20.39 -2.82 -1.66
N ALA B 330 -19.97 -1.56 -1.73
CA ALA B 330 -20.81 -0.47 -2.21
C ALA B 330 -20.26 -0.07 -3.57
N PRO B 331 -20.69 -0.73 -4.65
CA PRO B 331 -19.87 -0.77 -5.86
C PRO B 331 -19.93 0.46 -6.74
N ALA B 332 -20.70 1.49 -6.39
CA ALA B 332 -20.74 2.68 -7.24
C ALA B 332 -21.25 3.86 -6.44
N PHE B 333 -20.93 5.06 -6.93
CA PHE B 333 -21.54 6.28 -6.46
C PHE B 333 -21.67 7.24 -7.63
N SER B 334 -22.52 8.26 -7.45
CA SER B 334 -22.94 9.13 -8.53
C SER B 334 -22.51 10.57 -8.26
N LEU B 335 -22.20 11.28 -9.35
CA LEU B 335 -21.75 12.66 -9.27
C LEU B 335 -22.44 13.47 -10.36
N TYR B 336 -22.51 14.79 -10.15
CA TYR B 336 -23.03 15.70 -11.15
C TYR B 336 -22.08 16.88 -11.29
N ALA B 337 -22.05 17.46 -12.49
CA ALA B 337 -21.18 18.59 -12.76
C ALA B 337 -21.80 19.86 -12.19
N LYS B 338 -21.02 20.57 -11.36
CA LYS B 338 -21.52 21.80 -10.77
C LYS B 338 -21.70 22.89 -11.81
N GLU B 339 -20.84 22.92 -12.83
CA GLU B 339 -20.96 23.85 -13.95
C GLU B 339 -20.53 23.10 -15.22
N ASP B 340 -20.67 23.78 -16.35
CA ASP B 340 -20.17 23.21 -17.61
C ASP B 340 -18.68 22.92 -17.44
N THR B 341 -18.24 21.76 -17.92
CA THR B 341 -16.82 21.39 -17.81
C THR B 341 -16.43 20.35 -18.86
N VAL B 342 -15.15 20.18 -19.09
CA VAL B 342 -14.69 19.18 -20.08
C VAL B 342 -14.01 18.06 -19.29
N LEU B 343 -14.46 16.85 -19.49
CA LEU B 343 -13.85 15.72 -18.76
C LEU B 343 -12.76 15.06 -19.59
N GLY B 344 -11.54 15.03 -19.07
CA GLY B 344 -10.42 14.33 -19.72
C GLY B 344 -9.91 14.95 -21.01
N GLY B 345 -10.24 16.22 -21.27
CA GLY B 345 -9.83 16.95 -22.47
C GLY B 345 -10.60 16.57 -23.72
N GLU B 346 -11.64 15.76 -23.61
CA GLU B 346 -12.41 15.35 -24.80
C GLU B 346 -13.90 15.18 -24.52
N TYR B 347 -14.33 15.12 -23.26
CA TYR B 347 -15.78 14.84 -23.02
C TYR B 347 -16.46 16.05 -22.38
N PRO B 348 -17.07 16.92 -23.21
CA PRO B 348 -17.70 18.12 -22.72
C PRO B 348 -18.95 17.71 -21.97
N LEU B 349 -19.08 18.25 -20.78
CA LEU B 349 -20.22 17.97 -19.90
C LEU B 349 -20.92 19.28 -19.56
N GLU B 350 -22.22 19.31 -19.57
CA GLU B 350 -22.94 20.54 -19.19
C GLU B 350 -23.36 20.47 -17.73
N LYS B 351 -23.65 21.64 -17.16
CA LYS B 351 -24.08 21.73 -15.77
C LYS B 351 -25.23 20.77 -15.49
N GLY B 352 -25.10 19.98 -14.44
CA GLY B 352 -26.11 19.01 -14.07
C GLY B 352 -25.92 17.62 -14.66
N ASP B 353 -25.03 17.46 -15.63
CA ASP B 353 -24.81 16.15 -16.22
C ASP B 353 -24.28 15.18 -15.16
N GLU B 354 -24.73 13.93 -15.25
CA GLU B 354 -24.51 12.93 -14.22
C GLU B 354 -23.39 11.98 -14.62
N LEU B 355 -22.66 11.50 -13.61
CA LEU B 355 -21.60 10.51 -13.78
C LEU B 355 -21.82 9.38 -12.77
N MET B 356 -21.42 8.17 -13.17
CA MET B 356 -21.39 7.02 -12.28
C MET B 356 -19.97 6.50 -12.20
N VAL B 357 -19.47 6.30 -10.98
CA VAL B 357 -18.14 5.76 -10.75
C VAL B 357 -18.27 4.27 -10.52
N LEU B 358 -17.82 3.47 -11.48
CA LEU B 358 -17.91 2.01 -11.38
C LEU B 358 -16.66 1.53 -10.62
N ILE B 359 -16.83 1.37 -9.30
CA ILE B 359 -15.66 1.15 -8.44
C ILE B 359 -14.93 -0.14 -8.74
N PRO B 360 -15.59 -1.29 -8.95
CA PRO B 360 -14.82 -2.51 -9.25
C PRO B 360 -13.98 -2.41 -10.52
N GLN B 361 -14.42 -1.61 -11.49
CA GLN B 361 -13.62 -1.42 -12.70
C GLN B 361 -12.43 -0.50 -12.44
N LEU B 362 -12.65 0.58 -11.69
CA LEU B 362 -11.55 1.44 -11.26
C LEU B 362 -10.45 0.64 -10.61
N HIS B 363 -10.83 -0.29 -9.73
CA HIS B 363 -9.85 -1.10 -9.00
C HIS B 363 -9.20 -2.16 -9.88
N ARG B 364 -9.59 -2.26 -11.14
CA ARG B 364 -8.96 -3.16 -12.11
C ARG B 364 -8.24 -2.39 -13.20
N ASP B 365 -7.98 -1.10 -12.99
CA ASP B 365 -7.28 -0.27 -13.97
C ASP B 365 -5.82 -0.71 -14.04
N LYS B 366 -5.47 -1.39 -15.14
CA LYS B 366 -4.13 -1.94 -15.28
C LYS B 366 -3.05 -0.85 -15.33
N THR B 367 -3.41 0.37 -15.73
CA THR B 367 -2.44 1.46 -15.74
C THR B 367 -2.00 1.86 -14.34
N ILE B 368 -2.77 1.51 -13.32
CA ILE B 368 -2.43 1.80 -11.93
C ILE B 368 -1.87 0.58 -11.22
N TRP B 369 -2.55 -0.57 -11.37
CA TRP B 369 -2.25 -1.75 -10.57
C TRP B 369 -1.39 -2.78 -11.29
N GLY B 370 -1.15 -2.62 -12.58
CA GLY B 370 -0.42 -3.61 -13.34
C GLY B 370 -1.33 -4.60 -14.03
N ASP B 371 -0.71 -5.61 -14.62
CA ASP B 371 -1.49 -6.62 -15.35
C ASP B 371 -2.19 -7.60 -14.43
N ASP B 372 -1.64 -7.85 -13.24
CA ASP B 372 -2.20 -8.84 -12.32
C ASP B 372 -3.36 -8.29 -11.50
N VAL B 373 -4.30 -7.58 -12.14
CA VAL B 373 -5.38 -6.95 -11.39
C VAL B 373 -6.32 -7.99 -10.79
N GLU B 374 -6.46 -9.15 -11.42
CA GLU B 374 -7.40 -10.17 -10.94
C GLU B 374 -6.83 -11.03 -9.83
N GLU B 375 -5.54 -10.94 -9.53
CA GLU B 375 -4.95 -11.74 -8.47
C GLU B 375 -5.19 -11.11 -7.11
N PHE B 376 -5.38 -11.96 -6.11
CA PHE B 376 -5.55 -11.53 -4.72
C PHE B 376 -4.18 -11.51 -4.06
N ARG B 377 -3.61 -10.31 -3.93
CA ARG B 377 -2.28 -10.13 -3.33
C ARG B 377 -2.37 -8.97 -2.33
N PRO B 378 -2.62 -9.26 -1.05
CA PRO B 378 -2.64 -8.18 -0.06
C PRO B 378 -1.35 -7.39 0.00
N GLU B 379 -0.25 -7.95 -0.50
CA GLU B 379 1.03 -7.26 -0.47
C GLU B 379 1.02 -5.96 -1.28
N ARG B 380 0.04 -5.78 -2.17
CA ARG B 380 -0.13 -4.49 -2.83
C ARG B 380 -0.26 -3.36 -1.82
N PHE B 381 -0.88 -3.65 -0.68
CA PHE B 381 -1.18 -2.66 0.35
C PHE B 381 -0.18 -2.69 1.50
N GLU B 382 0.96 -3.36 1.31
CA GLU B 382 1.95 -3.43 2.39
C GLU B 382 2.46 -2.04 2.76
N ASN B 383 2.64 -1.19 1.78
CA ASN B 383 3.01 0.20 2.00
C ASN B 383 1.91 1.07 1.42
N PRO B 384 1.11 1.76 2.23
CA PRO B 384 -0.02 2.52 1.67
C PRO B 384 0.42 3.70 0.82
N SER B 385 1.72 4.00 0.83
CA SER B 385 2.32 5.06 0.06
C SER B 385 2.46 4.72 -1.43
N ALA B 386 2.30 3.45 -1.80
CA ALA B 386 2.42 3.03 -3.19
C ALA B 386 1.15 3.23 -4.01
N ILE B 387 0.03 3.63 -3.40
CA ILE B 387 -1.25 3.71 -4.09
C ILE B 387 -1.45 5.13 -4.59
N PRO B 388 -1.62 5.34 -5.90
CA PRO B 388 -1.84 6.70 -6.42
C PRO B 388 -3.17 7.28 -5.94
N GLN B 389 -3.26 8.60 -6.07
CA GLN B 389 -4.46 9.32 -5.64
C GLN B 389 -5.67 8.90 -6.45
N HIS B 390 -6.77 8.61 -5.75
CA HIS B 390 -8.08 8.29 -6.34
C HIS B 390 -8.08 7.00 -7.14
N ALA B 391 -7.10 6.13 -6.93
CA ALA B 391 -7.11 4.81 -7.55
C ALA B 391 -7.90 3.79 -6.75
N PHE B 392 -8.07 4.03 -5.45
CA PHE B 392 -8.66 3.07 -4.52
C PHE B 392 -9.75 3.81 -3.76
N LYS B 393 -11.01 3.59 -4.14
CA LYS B 393 -12.14 4.37 -3.60
C LYS B 393 -13.29 3.48 -3.11
N PRO B 394 -13.01 2.51 -2.24
CA PRO B 394 -14.11 1.68 -1.72
C PRO B 394 -15.04 2.42 -0.78
N PHE B 395 -14.65 3.59 -0.28
CA PHE B 395 -15.44 4.35 0.68
C PHE B 395 -15.89 5.70 0.12
N GLY B 396 -15.95 5.85 -1.20
CA GLY B 396 -16.41 7.09 -1.77
C GLY B 396 -15.31 8.14 -1.85
N ASN B 397 -15.72 9.40 -1.89
CA ASN B 397 -14.80 10.50 -2.16
C ASN B 397 -15.16 11.74 -1.38
N GLY B 398 -14.14 12.42 -0.85
CA GLY B 398 -14.25 13.77 -0.33
C GLY B 398 -15.12 13.87 0.91
N GLN B 399 -15.82 15.00 1.03
CA GLN B 399 -16.69 15.22 2.18
C GLN B 399 -17.91 14.32 2.16
N ARG B 400 -18.23 13.71 1.02
CA ARG B 400 -19.32 12.75 0.91
C ARG B 400 -18.81 11.32 0.95
N ALA B 401 -17.60 11.12 1.47
CA ALA B 401 -17.09 9.78 1.65
C ALA B 401 -17.79 9.09 2.82
N CYS B 402 -17.56 7.78 2.92
CA CYS B 402 -18.18 6.97 3.97
C CYS B 402 -17.76 7.46 5.34
N ILE B 403 -18.76 7.91 6.12
CA ILE B 403 -18.46 8.33 7.48
C ILE B 403 -18.15 7.15 8.37
N GLY B 404 -18.62 5.96 8.03
CA GLY B 404 -18.39 4.79 8.86
C GLY B 404 -17.17 3.98 8.49
N GLN B 405 -16.24 4.54 7.69
CA GLN B 405 -15.08 3.79 7.25
C GLN B 405 -14.28 3.22 8.43
N GLN B 406 -13.94 4.08 9.40
CA GLN B 406 -13.19 3.60 10.56
C GLN B 406 -13.98 2.55 11.33
N PHE B 407 -15.28 2.73 11.42
CA PHE B 407 -16.13 1.75 12.10
C PHE B 407 -16.05 0.41 11.37
N ALA B 408 -16.32 0.42 10.07
CA ALA B 408 -16.30 -0.77 9.22
C ALA B 408 -14.97 -1.51 9.33
N LEU B 409 -13.88 -0.78 9.17
CA LEU B 409 -12.53 -1.37 9.20
C LEU B 409 -12.17 -1.93 10.60
N HIS B 410 -12.57 -1.29 11.67
CA HIS B 410 -12.27 -1.78 13.04
C HIS B 410 -13.05 -3.07 13.36
N GLU B 411 -14.35 -3.04 13.09
CA GLU B 411 -15.24 -4.21 13.20
C GLU B 411 -14.66 -5.40 12.41
N ALA B 412 -14.37 -5.21 11.13
CA ALA B 412 -13.85 -6.22 10.19
C ALA B 412 -12.48 -6.75 10.63
N THR B 413 -11.63 -5.85 11.09
CA THR B 413 -10.28 -6.24 11.51
C THR B 413 -10.38 -7.08 12.78
N LEU B 414 -11.20 -6.64 13.71
CA LEU B 414 -11.38 -7.37 14.97
C LEU B 414 -11.94 -8.77 14.72
N VAL B 415 -12.99 -8.85 13.91
CA VAL B 415 -13.69 -10.12 13.74
C VAL B 415 -12.84 -11.11 12.94
N LEU B 416 -12.23 -10.63 11.84
CA LEU B 416 -11.38 -11.50 11.04
C LEU B 416 -10.18 -11.98 11.85
N GLY B 417 -9.58 -11.09 12.64
CA GLY B 417 -8.47 -11.51 13.49
C GLY B 417 -8.87 -12.57 14.50
N MET B 418 -10.06 -12.42 15.10
CA MET B 418 -10.54 -13.43 16.03
C MET B 418 -10.86 -14.73 15.32
N MET B 419 -11.46 -14.65 14.13
CA MET B 419 -11.72 -15.87 13.35
C MET B 419 -10.43 -16.60 13.04
N LEU B 420 -9.40 -15.87 12.61
CA LEU B 420 -8.14 -16.49 12.24
C LEU B 420 -7.39 -17.03 13.46
N LYS B 421 -7.60 -16.41 14.62
CA LYS B 421 -6.93 -16.87 15.82
C LYS B 421 -7.53 -18.18 16.33
N HIS B 422 -8.85 -18.33 16.24
CA HIS B 422 -9.54 -19.40 16.93
C HIS B 422 -9.86 -20.62 16.05
N PHE B 423 -9.74 -20.50 14.72
CA PHE B 423 -10.14 -21.62 13.86
C PHE B 423 -9.19 -21.76 12.68
N ASP B 424 -9.03 -23.01 12.24
CA ASP B 424 -8.59 -23.30 10.89
C ASP B 424 -9.81 -23.48 9.99
N PHE B 425 -9.67 -23.08 8.73
CA PHE B 425 -10.78 -23.06 7.80
C PHE B 425 -10.53 -24.00 6.64
N GLU B 426 -11.59 -24.68 6.20
CA GLU B 426 -11.55 -25.57 5.06
C GLU B 426 -12.60 -25.17 4.05
N ASP B 427 -12.18 -25.01 2.80
CA ASP B 427 -13.09 -24.81 1.67
C ASP B 427 -13.59 -26.19 1.25
N HIS B 428 -14.50 -26.74 2.05
CA HIS B 428 -14.84 -28.15 1.95
C HIS B 428 -15.65 -28.49 0.70
N THR B 429 -16.25 -27.51 0.05
CA THR B 429 -17.03 -27.74 -1.17
C THR B 429 -16.30 -27.30 -2.42
N ASN B 430 -15.07 -26.79 -2.30
CA ASN B 430 -14.40 -26.07 -3.37
C ASN B 430 -15.36 -25.03 -3.98
N TYR B 431 -15.80 -24.12 -3.11
CA TYR B 431 -16.89 -23.20 -3.44
C TYR B 431 -16.56 -22.39 -4.69
N GLU B 432 -17.51 -22.36 -5.62
CA GLU B 432 -17.38 -21.59 -6.85
C GLU B 432 -18.01 -20.22 -6.62
N LEU B 433 -17.21 -19.17 -6.75
CA LEU B 433 -17.67 -17.82 -6.44
C LEU B 433 -18.89 -17.46 -7.26
N ASP B 434 -19.96 -17.07 -6.56
CA ASP B 434 -21.21 -16.65 -7.18
C ASP B 434 -21.67 -15.42 -6.43
N ILE B 435 -21.60 -14.26 -7.09
CA ILE B 435 -21.82 -12.98 -6.43
C ILE B 435 -23.27 -12.57 -6.64
N LYS B 436 -24.06 -12.66 -5.57
CA LYS B 436 -25.44 -12.19 -5.60
C LYS B 436 -25.45 -10.67 -5.45
N GLU B 437 -26.33 -10.02 -6.19
CA GLU B 437 -26.38 -8.56 -6.25
C GLU B 437 -27.71 -8.06 -5.75
N THR B 438 -27.68 -7.26 -4.69
CA THR B 438 -28.76 -6.36 -4.33
C THR B 438 -28.27 -4.92 -4.60
N LEU B 439 -28.43 -3.99 -3.68
CA LEU B 439 -27.66 -2.76 -3.80
C LEU B 439 -26.21 -2.94 -3.36
N THR B 440 -25.86 -4.10 -2.82
CA THR B 440 -24.50 -4.44 -2.44
C THR B 440 -24.15 -5.82 -3.01
N LEU B 441 -22.95 -6.29 -2.70
CA LEU B 441 -22.41 -7.52 -3.27
C LEU B 441 -22.06 -8.49 -2.15
N LYS B 442 -22.30 -9.78 -2.39
CA LYS B 442 -21.98 -10.82 -1.43
C LYS B 442 -21.73 -12.12 -2.17
N PRO B 443 -20.86 -13.00 -1.64
CA PRO B 443 -20.66 -14.32 -2.25
C PRO B 443 -21.75 -15.29 -1.84
N GLU B 444 -22.77 -15.44 -2.69
CA GLU B 444 -23.93 -16.26 -2.33
C GLU B 444 -23.54 -17.72 -2.19
N GLY B 445 -24.02 -18.35 -1.12
CA GLY B 445 -23.78 -19.77 -0.91
C GLY B 445 -22.40 -20.13 -0.44
N PHE B 446 -21.56 -19.15 -0.10
CA PHE B 446 -20.22 -19.44 0.39
C PHE B 446 -20.30 -20.15 1.74
N VAL B 447 -19.70 -21.34 1.82
CA VAL B 447 -19.72 -22.15 3.03
C VAL B 447 -18.32 -22.66 3.29
N VAL B 448 -17.99 -22.80 4.59
CA VAL B 448 -16.72 -23.36 5.02
C VAL B 448 -16.95 -24.26 6.22
N LYS B 449 -15.96 -25.10 6.51
CA LYS B 449 -15.87 -25.80 7.78
C LYS B 449 -14.81 -25.13 8.63
N ALA B 450 -15.05 -25.05 9.93
CA ALA B 450 -14.09 -24.53 10.88
C ALA B 450 -13.74 -25.60 11.90
N LYS B 451 -12.44 -25.84 12.06
CA LYS B 451 -11.93 -26.71 13.12
C LYS B 451 -11.29 -25.82 14.18
N SER B 452 -11.80 -25.89 15.40
CA SER B 452 -11.35 -24.99 16.45
C SER B 452 -9.91 -25.27 16.84
N LYS B 453 -9.15 -24.21 17.07
CA LYS B 453 -7.82 -24.32 17.66
C LYS B 453 -7.87 -24.49 19.17
N LYS B 454 -9.07 -24.55 19.77
CA LYS B 454 -9.26 -24.86 21.18
C LYS B 454 -8.61 -23.82 22.09
N ILE B 455 -8.64 -22.56 21.67
CA ILE B 455 -8.10 -21.45 22.44
C ILE B 455 -9.25 -20.79 23.20
N PRO B 456 -9.23 -20.75 24.52
CA PRO B 456 -10.38 -20.21 25.26
C PRO B 456 -10.49 -18.70 25.13
N LEU B 457 -11.71 -18.22 25.39
CA LEU B 457 -12.01 -16.79 25.31
C LEU B 457 -11.97 -16.14 26.69
N TYR C 3 26.62 1.14 11.07
CA TYR C 3 26.69 1.56 12.46
C TYR C 3 26.42 3.05 12.51
N TYR D 3 -27.05 2.39 -10.07
CA TYR D 3 -27.79 3.22 -10.97
C TYR D 3 -28.70 4.16 -10.23
#